data_5IN3
#
_entry.id   5IN3
#
_cell.length_a   59.760
_cell.length_b   107.990
_cell.length_c   126.420
_cell.angle_alpha   90.000
_cell.angle_beta   90.000
_cell.angle_gamma   90.000
#
_symmetry.space_group_name_H-M   'P 21 21 21'
#
loop_
_entity.id
_entity.type
_entity.pdbx_description
1 polymer 'Galactose-1-phosphate uridylyltransferase'
2 non-polymer 'ZINC ION'
3 non-polymer "5,6-DIHYDROURIDINE-5'-MONOPHOSPHATE"
4 non-polymer 1,2-ETHANEDIOL
5 non-polymer 1-O-phosphono-alpha-D-glucopyranose
6 water water
#
_entity_poly.entity_id   1
_entity_poly.type   'polypeptide(L)'
_entity_poly.pdbx_seq_one_letter_code
;MHHHHHHSSGVDLGTENLYFQSMSRSGTDPQQRQQASEADAAAATFRANDHQHIRYNPLQDEWVLVSAHRMKRPWQGQVE
PQLLKTVPRHDPLNPLCPGAIRANGEVNPQYDSTFLFDNDFPALQPDAPSPGPSDHPLFQAKSARGVCKVMCFHPWSDVT
LPLMSVPEIRAVVDAWASVTEELGAQYPWVQIFENKGAMMGCSNPHPHCQVWASSFLPDIAQREERSQQAYKSQHGEPLL
MEYSRQELLRKERLVLTSEHWLVLVPFWATWPYQTLLLPRRHVRRLPELTPAERDDLASIMKKLLTKYDNLFETSFPYSM
GWHGAPTGSEAGANWNHWQLHAHYYPPLLRSATVRKFMVGYEMLAQAQRDLTPEQAAERLRALPEVHYHLGQKDRETATI
A
;
_entity_poly.pdbx_strand_id   B,A
#
# COMPACT_ATOMS: atom_id res chain seq x y z
N ALA A 44 15.10 -24.90 20.17
CA ALA A 44 15.26 -23.46 20.01
C ALA A 44 14.05 -22.71 20.58
N THR A 45 14.33 -21.70 21.41
CA THR A 45 13.28 -20.92 22.06
C THR A 45 12.97 -19.68 21.25
N PHE A 46 11.70 -19.39 21.05
CA PHE A 46 11.30 -18.25 20.25
C PHE A 46 11.45 -16.96 21.04
N ARG A 47 11.95 -15.92 20.37
CA ARG A 47 12.06 -14.58 20.92
C ARG A 47 11.73 -13.59 19.80
N ALA A 48 10.64 -12.82 19.96
CA ALA A 48 10.15 -11.98 18.88
C ALA A 48 11.22 -11.03 18.32
N ASN A 49 12.13 -10.55 19.18
CA ASN A 49 13.20 -9.67 18.69
C ASN A 49 14.26 -10.45 17.92
N ASP A 50 14.25 -11.77 18.02
CA ASP A 50 15.26 -12.61 17.41
C ASP A 50 14.77 -13.41 16.21
N HIS A 51 13.49 -13.78 16.13
CA HIS A 51 13.07 -14.75 15.15
C HIS A 51 11.91 -14.26 14.31
N GLN A 52 11.95 -14.61 13.03
CA GLN A 52 10.90 -14.28 12.08
C GLN A 52 9.55 -14.89 12.51
N HIS A 53 8.48 -14.17 12.19
CA HIS A 53 7.12 -14.64 12.48
C HIS A 53 6.16 -13.71 11.77
N ILE A 54 4.86 -14.04 11.84
CA ILE A 54 3.85 -13.18 11.24
C ILE A 54 2.86 -12.78 12.33
N ARG A 55 2.33 -11.57 12.20
CA ARG A 55 1.41 -11.01 13.19
C ARG A 55 0.13 -10.53 12.51
N TYR A 56 -0.99 -10.60 13.24
CA TYR A 56 -2.30 -10.26 12.70
C TYR A 56 -2.74 -8.89 13.17
N ASN A 57 -3.26 -8.09 12.23
CA ASN A 57 -3.98 -6.85 12.47
C ASN A 57 -5.48 -7.19 12.51
N PRO A 58 -6.07 -7.27 13.71
CA PRO A 58 -7.50 -7.56 13.80
C PRO A 58 -8.42 -6.40 13.48
N LEU A 59 -7.89 -5.18 13.43
CA LEU A 59 -8.69 -3.99 13.12
C LEU A 59 -8.96 -3.89 11.62
N GLN A 60 -7.96 -4.18 10.78
CA GLN A 60 -8.17 -4.15 9.35
C GLN A 60 -8.01 -5.52 8.70
N ASP A 61 -7.79 -6.58 9.47
CA ASP A 61 -7.75 -7.96 8.99
C ASP A 61 -6.63 -8.16 7.98
N GLU A 62 -5.39 -8.09 8.49
CA GLU A 62 -4.22 -8.11 7.64
C GLU A 62 -3.06 -8.77 8.40
N TRP A 63 -2.27 -9.58 7.72
CA TRP A 63 -1.08 -10.13 8.35
C TRP A 63 0.18 -9.37 7.92
N VAL A 64 1.18 -9.31 8.81
CA VAL A 64 2.46 -8.68 8.50
C VAL A 64 3.59 -9.65 8.84
N LEU A 65 4.61 -9.71 7.98
CA LEU A 65 5.80 -10.49 8.26
C LEU A 65 6.80 -9.65 9.04
N VAL A 66 7.21 -10.16 10.19
CA VAL A 66 8.26 -9.56 11.01
C VAL A 66 9.54 -10.39 10.87
N SER A 67 10.49 -9.87 10.10
CA SER A 67 11.82 -10.51 9.92
C SER A 67 12.78 -9.98 10.98
N ALA A 68 12.51 -10.39 12.22
CA ALA A 68 13.30 -9.88 13.34
C ALA A 68 14.78 -10.23 13.21
N HIS A 69 15.10 -11.33 12.53
CA HIS A 69 16.49 -11.79 12.41
C HIS A 69 17.39 -10.84 11.61
N ARG A 70 16.90 -9.66 11.24
CA ARG A 70 17.72 -8.69 10.54
C ARG A 70 17.94 -7.47 11.41
N THR A 86 15.01 25.71 2.99
CA THR A 86 14.51 26.69 3.97
C THR A 86 13.20 27.32 3.46
N VAL A 87 12.16 27.26 4.29
CA VAL A 87 10.83 27.69 3.90
C VAL A 87 10.62 29.11 4.45
N PRO A 88 10.30 30.09 3.62
CA PRO A 88 10.04 31.42 4.15
C PRO A 88 8.72 31.48 4.89
N ARG A 89 8.65 32.31 5.93
CA ARG A 89 7.44 32.37 6.73
C ARG A 89 6.24 32.80 5.90
N HIS A 90 6.46 33.64 4.90
CA HIS A 90 5.37 34.10 4.06
C HIS A 90 5.82 34.14 2.61
N ASP A 91 4.90 33.79 1.71
CA ASP A 91 5.11 33.84 0.26
C ASP A 91 3.83 34.29 -0.43
N PRO A 92 3.79 35.46 -1.07
CA PRO A 92 2.52 35.92 -1.65
C PRO A 92 1.99 35.02 -2.74
N LEU A 93 2.83 34.14 -3.28
CA LEU A 93 2.41 33.20 -4.32
C LEU A 93 2.12 31.80 -3.79
N ASN A 94 2.29 31.56 -2.48
CA ASN A 94 1.92 30.26 -1.93
C ASN A 94 0.43 30.33 -1.62
N PRO A 95 -0.43 29.63 -2.36
CA PRO A 95 -1.88 29.80 -2.22
C PRO A 95 -2.43 29.37 -0.88
N LEU A 96 -1.63 28.80 0.02
CA LEU A 96 -2.11 28.52 1.37
C LEU A 96 -1.75 29.61 2.39
N CYS A 97 -0.97 30.62 1.99
CA CYS A 97 -0.55 31.67 2.91
C CYS A 97 -1.65 32.69 3.12
N PRO A 98 -1.69 33.35 4.29
CA PRO A 98 -2.59 34.48 4.47
C PRO A 98 -2.32 35.56 3.43
N GLY A 99 -3.40 36.10 2.86
CA GLY A 99 -3.31 37.14 1.87
C GLY A 99 -3.07 36.70 0.44
N ALA A 100 -2.76 35.43 0.20
CA ALA A 100 -2.34 34.99 -1.12
C ALA A 100 -3.54 34.67 -2.00
N ILE A 101 -3.30 34.61 -3.32
CA ILE A 101 -4.36 34.33 -4.29
C ILE A 101 -4.36 32.84 -4.61
N ARG A 102 -5.54 32.24 -4.61
CA ARG A 102 -5.68 30.83 -4.96
C ARG A 102 -5.96 30.68 -6.47
N ALA A 103 -5.96 29.42 -6.92
CA ALA A 103 -6.10 29.15 -8.35
C ALA A 103 -7.42 29.66 -8.92
N ASN A 104 -8.48 29.71 -8.10
CA ASN A 104 -9.77 30.22 -8.56
C ASN A 104 -9.87 31.75 -8.49
N GLY A 105 -8.77 32.43 -8.16
CA GLY A 105 -8.76 33.88 -8.10
C GLY A 105 -9.10 34.48 -6.75
N GLU A 106 -9.57 33.68 -5.79
CA GLU A 106 -9.90 34.22 -4.47
C GLU A 106 -8.65 34.58 -3.68
N VAL A 107 -8.74 35.64 -2.90
CA VAL A 107 -7.63 36.09 -2.06
C VAL A 107 -7.87 35.62 -0.64
N ASN A 108 -6.88 34.94 -0.06
CA ASN A 108 -7.03 34.44 1.30
C ASN A 108 -7.14 35.61 2.28
N PRO A 109 -7.93 35.48 3.34
CA PRO A 109 -7.90 36.51 4.38
C PRO A 109 -6.55 36.52 5.10
N GLN A 110 -6.31 37.57 5.87
CA GLN A 110 -5.09 37.65 6.68
C GLN A 110 -5.28 36.90 8.00
N TYR A 111 -5.50 35.59 7.87
CA TYR A 111 -5.91 34.78 9.01
C TYR A 111 -4.74 34.58 9.98
N ASP A 112 -5.06 34.48 11.27
CA ASP A 112 -4.02 34.41 12.30
C ASP A 112 -4.05 33.09 13.06
N SER A 113 -4.90 32.13 12.63
CA SER A 113 -5.03 30.85 13.29
C SER A 113 -5.18 29.77 12.22
N THR A 114 -6.29 29.02 12.22
CA THR A 114 -6.52 28.05 11.17
C THR A 114 -7.29 28.71 10.01
N PHE A 115 -7.31 28.04 8.87
CA PHE A 115 -8.07 28.55 7.72
C PHE A 115 -8.60 27.40 6.88
N LEU A 116 -9.90 27.39 6.60
CA LEU A 116 -10.55 26.28 5.88
C LEU A 116 -11.07 26.79 4.55
N PHE A 117 -10.77 26.09 3.46
CA PHE A 117 -11.31 26.50 2.17
C PHE A 117 -11.56 25.28 1.29
N ASP A 118 -12.37 25.49 0.23
CA ASP A 118 -12.68 24.43 -0.72
C ASP A 118 -11.48 24.16 -1.61
N ASN A 119 -11.15 22.90 -1.77
CA ASN A 119 -10.05 22.54 -2.64
C ASN A 119 -10.35 22.94 -4.07
N ASP A 120 -9.45 23.71 -4.69
CA ASP A 120 -9.66 24.17 -6.04
C ASP A 120 -9.49 23.04 -7.08
N PHE A 121 -8.92 21.91 -6.69
CA PHE A 121 -8.69 20.78 -7.59
C PHE A 121 -9.22 19.50 -6.92
N PRO A 122 -10.51 19.44 -6.62
CA PRO A 122 -11.01 18.40 -5.72
C PRO A 122 -11.15 17.05 -6.38
N ALA A 123 -10.85 16.01 -5.61
CA ALA A 123 -11.06 14.65 -6.10
C ALA A 123 -12.53 14.26 -6.09
N LEU A 124 -13.34 14.94 -5.27
CA LEU A 124 -14.78 14.72 -5.20
C LEU A 124 -15.53 16.03 -5.36
N GLN A 125 -16.62 15.99 -6.13
CA GLN A 125 -17.63 17.03 -6.27
C GLN A 125 -18.93 16.61 -5.57
N PRO A 126 -19.74 17.56 -5.10
CA PRO A 126 -20.96 17.16 -4.38
C PRO A 126 -22.06 16.59 -5.28
N ASP A 127 -22.03 16.87 -6.57
CA ASP A 127 -23.03 16.42 -7.52
C ASP A 127 -22.38 15.52 -8.57
N ALA A 128 -23.06 14.42 -8.89
CA ALA A 128 -22.58 13.49 -9.91
C ALA A 128 -23.71 12.54 -10.30
N PRO A 129 -23.81 12.15 -11.56
CA PRO A 129 -24.78 11.11 -11.92
C PRO A 129 -24.32 9.76 -11.39
N SER A 130 -25.27 8.91 -11.12
CA SER A 130 -24.98 7.56 -10.68
C SER A 130 -24.71 6.70 -11.91
N PRO A 131 -23.81 5.73 -11.81
CA PRO A 131 -23.65 4.78 -12.92
C PRO A 131 -24.88 3.89 -13.05
N GLY A 132 -25.02 3.33 -14.25
CA GLY A 132 -26.11 2.41 -14.51
C GLY A 132 -25.98 1.19 -13.60
N PRO A 133 -27.01 0.35 -13.57
CA PRO A 133 -26.88 -0.91 -12.85
C PRO A 133 -25.89 -1.83 -13.54
N SER A 134 -25.29 -2.73 -12.76
CA SER A 134 -24.27 -3.62 -13.30
C SER A 134 -24.95 -4.83 -13.93
N ASP A 135 -24.49 -5.20 -15.12
CA ASP A 135 -24.98 -6.39 -15.80
C ASP A 135 -24.16 -7.63 -15.47
N HIS A 136 -23.17 -7.53 -14.58
CA HIS A 136 -22.26 -8.63 -14.35
C HIS A 136 -21.56 -8.52 -13.00
N PRO A 137 -21.46 -9.59 -12.22
CA PRO A 137 -20.87 -9.49 -10.87
C PRO A 137 -19.40 -9.11 -10.85
N LEU A 138 -18.67 -9.20 -11.96
CA LEU A 138 -17.28 -8.77 -11.97
C LEU A 138 -17.11 -7.31 -12.34
N PHE A 139 -18.19 -6.61 -12.67
CA PHE A 139 -18.17 -5.23 -13.15
C PHE A 139 -19.17 -4.43 -12.33
N GLN A 140 -18.76 -4.08 -11.10
CA GLN A 140 -19.62 -3.39 -10.15
C GLN A 140 -19.12 -1.96 -9.92
N ALA A 141 -20.03 -1.02 -10.08
CA ALA A 141 -19.73 0.40 -9.85
C ALA A 141 -20.89 1.02 -9.08
N LYS A 142 -20.56 1.94 -8.20
CA LYS A 142 -21.55 2.65 -7.40
C LYS A 142 -21.27 4.14 -7.49
N SER A 143 -22.24 4.92 -7.03
CA SER A 143 -22.12 6.37 -7.11
C SER A 143 -21.08 6.87 -6.12
N ALA A 144 -20.63 8.09 -6.35
CA ALA A 144 -19.67 8.75 -5.47
C ALA A 144 -19.97 10.23 -5.48
N ARG A 145 -20.10 10.81 -4.29
CA ARG A 145 -20.32 12.24 -4.13
C ARG A 145 -19.57 12.65 -2.87
N GLY A 146 -19.11 13.90 -2.85
CA GLY A 146 -18.39 14.38 -1.67
C GLY A 146 -17.85 15.79 -1.86
N VAL A 147 -17.13 16.26 -0.83
CA VAL A 147 -16.50 17.58 -0.86
C VAL A 147 -15.11 17.46 -0.26
N CYS A 148 -14.17 18.22 -0.82
CA CYS A 148 -12.78 18.21 -0.41
C CYS A 148 -12.37 19.59 0.05
N LYS A 149 -11.88 19.69 1.27
CA LYS A 149 -11.46 20.95 1.85
C LYS A 149 -10.00 20.86 2.25
N VAL A 150 -9.38 22.03 2.38
CA VAL A 150 -8.01 22.20 2.81
C VAL A 150 -8.04 23.04 4.08
N MET A 151 -7.30 22.60 5.10
CA MET A 151 -7.27 23.32 6.38
C MET A 151 -5.83 23.69 6.74
N CYS A 152 -5.52 24.96 6.68
CA CYS A 152 -4.24 25.42 7.20
C CYS A 152 -4.26 25.45 8.72
N PHE A 153 -3.18 24.93 9.31
CA PHE A 153 -3.01 24.83 10.75
C PHE A 153 -2.64 26.16 11.40
N HIS A 154 -2.00 27.05 10.65
CA HIS A 154 -1.29 28.19 11.22
C HIS A 154 -0.94 29.16 10.08
N PRO A 155 -0.83 30.46 10.33
CA PRO A 155 -0.51 31.36 9.22
C PRO A 155 0.94 31.32 8.75
N TRP A 156 1.89 30.81 9.55
CA TRP A 156 3.31 30.83 9.22
C TRP A 156 3.70 29.56 8.46
N SER A 157 4.33 29.73 7.30
CA SER A 157 4.67 28.55 6.48
C SER A 157 5.82 27.75 7.07
N ASP A 158 6.66 28.38 7.87
CA ASP A 158 7.87 27.74 8.38
C ASP A 158 7.64 27.02 9.69
N VAL A 159 6.39 26.87 10.13
CA VAL A 159 6.13 26.07 11.32
C VAL A 159 5.49 24.74 10.89
N THR A 160 5.66 23.75 11.76
CA THR A 160 4.96 22.48 11.70
C THR A 160 4.30 22.25 13.06
N LEU A 161 3.44 21.24 13.14
CA LEU A 161 2.72 20.98 14.39
C LEU A 161 3.62 20.86 15.61
N PRO A 162 4.71 20.08 15.61
CA PRO A 162 5.54 20.00 16.83
C PRO A 162 6.21 21.31 17.19
N LEU A 163 6.31 22.26 16.25
CA LEU A 163 6.86 23.58 16.57
C LEU A 163 5.83 24.56 17.08
N MET A 164 4.56 24.21 17.05
CA MET A 164 3.49 25.11 17.49
C MET A 164 3.24 24.97 18.99
N SER A 165 2.62 25.98 19.57
CA SER A 165 2.24 25.91 20.98
C SER A 165 1.00 25.04 21.17
N VAL A 166 0.81 24.57 22.40
CA VAL A 166 -0.36 23.73 22.68
C VAL A 166 -1.66 24.49 22.40
N PRO A 167 -1.83 25.75 22.79
CA PRO A 167 -3.05 26.46 22.39
C PRO A 167 -3.29 26.50 20.87
N GLU A 168 -2.23 26.68 20.08
CA GLU A 168 -2.36 26.70 18.62
C GLU A 168 -2.80 25.33 18.10
N ILE A 169 -2.24 24.27 18.68
CA ILE A 169 -2.67 22.92 18.27
C ILE A 169 -4.10 22.66 18.73
N ARG A 170 -4.47 23.18 19.91
CA ARG A 170 -5.85 23.04 20.35
C ARG A 170 -6.78 23.70 19.36
N ALA A 171 -6.33 24.82 18.76
CA ALA A 171 -7.13 25.44 17.70
C ALA A 171 -7.32 24.49 16.52
N VAL A 172 -6.26 23.76 16.16
CA VAL A 172 -6.42 22.77 15.09
C VAL A 172 -7.46 21.73 15.48
N VAL A 173 -7.40 21.22 16.72
CA VAL A 173 -8.34 20.20 17.18
C VAL A 173 -9.77 20.71 17.09
N ASP A 174 -9.99 21.93 17.58
CA ASP A 174 -11.32 22.52 17.49
C ASP A 174 -11.79 22.61 16.04
N ALA A 175 -10.89 22.94 15.11
CA ALA A 175 -11.29 23.02 13.71
C ALA A 175 -11.60 21.64 13.11
N TRP A 176 -10.86 20.60 13.53
CA TRP A 176 -11.16 19.24 13.13
C TRP A 176 -12.57 18.84 13.59
N ALA A 177 -12.90 19.18 14.84
CA ALA A 177 -14.24 18.84 15.36
C ALA A 177 -15.32 19.60 14.61
N SER A 178 -15.10 20.89 14.34
CA SER A 178 -16.12 21.67 13.64
C SER A 178 -16.39 21.14 12.25
N VAL A 179 -15.34 20.83 11.48
CA VAL A 179 -15.57 20.37 10.13
C VAL A 179 -16.15 18.95 10.13
N THR A 180 -15.79 18.13 11.13
CA THR A 180 -16.41 16.82 11.23
C THR A 180 -17.91 16.94 11.51
N GLU A 181 -18.30 17.84 12.41
CA GLU A 181 -19.72 18.03 12.68
C GLU A 181 -20.44 18.58 11.46
N GLU A 182 -19.87 19.59 10.81
CA GLU A 182 -20.54 20.25 9.70
C GLU A 182 -20.74 19.30 8.53
N LEU A 183 -19.64 18.69 8.05
CA LEU A 183 -19.75 17.82 6.88
C LEU A 183 -20.37 16.48 7.23
N GLY A 184 -20.24 16.05 8.48
CA GLY A 184 -20.84 14.82 8.93
C GLY A 184 -22.35 14.88 8.96
N ALA A 185 -22.93 16.08 9.07
CA ALA A 185 -24.38 16.18 8.95
C ALA A 185 -24.89 15.76 7.58
N GLN A 186 -24.04 15.79 6.54
CA GLN A 186 -24.44 15.53 5.16
C GLN A 186 -23.81 14.28 4.55
N TYR A 187 -22.68 13.83 5.08
CA TYR A 187 -21.92 12.72 4.50
C TYR A 187 -21.67 11.68 5.58
N PRO A 188 -21.79 10.40 5.26
CA PRO A 188 -21.55 9.38 6.31
C PRO A 188 -20.09 9.20 6.70
N TRP A 189 -19.14 9.70 5.91
CA TRP A 189 -17.73 9.57 6.24
C TRP A 189 -17.04 10.90 5.94
N VAL A 190 -16.35 11.41 6.95
CA VAL A 190 -15.52 12.62 6.87
C VAL A 190 -14.10 12.16 7.18
N GLN A 191 -13.21 12.20 6.18
CA GLN A 191 -11.85 11.72 6.38
C GLN A 191 -10.91 12.92 6.49
N ILE A 192 -10.42 13.15 7.71
CA ILE A 192 -9.37 14.10 7.98
C ILE A 192 -8.05 13.38 7.85
N PHE A 193 -7.12 13.97 7.07
CA PHE A 193 -5.79 13.41 6.96
C PHE A 193 -4.76 14.50 6.66
N GLU A 194 -3.55 14.28 7.14
CA GLU A 194 -2.42 15.14 6.81
C GLU A 194 -1.38 14.33 6.05
N ASN A 195 -0.92 14.88 4.91
CA ASN A 195 0.21 14.36 4.13
CA ASN A 195 0.21 14.36 4.14
C ASN A 195 1.38 15.31 4.34
N LYS A 196 2.34 14.92 5.15
CA LYS A 196 3.48 15.76 5.53
C LYS A 196 4.76 15.26 4.86
N GLY A 197 5.39 16.14 4.07
CA GLY A 197 6.73 15.93 3.53
C GLY A 197 6.72 15.54 2.06
N ALA A 198 7.70 16.06 1.30
CA ALA A 198 7.80 15.69 -0.10
C ALA A 198 7.85 14.18 -0.27
N MET A 199 8.46 13.49 0.67
CA MET A 199 8.54 12.03 0.60
C MET A 199 7.15 11.40 0.58
N MET A 200 6.13 12.11 1.02
CA MET A 200 4.76 11.70 0.85
C MET A 200 4.06 12.43 -0.29
N GLY A 201 4.81 13.04 -1.20
CA GLY A 201 4.23 13.69 -2.35
C GLY A 201 3.53 14.99 -2.06
N CYS A 202 3.64 15.50 -0.83
CA CYS A 202 3.17 16.85 -0.51
C CYS A 202 4.07 17.89 -1.19
N SER A 203 3.45 18.76 -1.99
CA SER A 203 4.17 19.76 -2.77
C SER A 203 4.18 21.13 -2.12
N ASN A 204 3.39 21.33 -1.06
CA ASN A 204 3.29 22.63 -0.43
C ASN A 204 3.69 22.51 1.04
N PRO A 205 4.78 23.16 1.47
CA PRO A 205 5.29 22.94 2.83
C PRO A 205 4.50 23.68 3.89
N HIS A 206 3.54 24.48 3.52
CA HIS A 206 2.73 25.19 4.51
C HIS A 206 2.02 24.19 5.41
N PRO A 207 1.94 24.43 6.72
CA PRO A 207 1.35 23.43 7.61
C PRO A 207 -0.16 23.30 7.36
N HIS A 208 -0.62 22.11 7.01
CA HIS A 208 -2.03 21.94 6.75
C HIS A 208 -2.43 20.47 6.67
N CYS A 209 -3.74 20.26 6.65
CA CYS A 209 -4.30 18.94 6.34
C CYS A 209 -5.40 19.09 5.28
N GLN A 210 -5.97 17.96 4.88
CA GLN A 210 -7.14 17.91 4.02
C GLN A 210 -8.28 17.15 4.69
N VAL A 211 -9.48 17.40 4.17
CA VAL A 211 -10.71 16.75 4.62
C VAL A 211 -11.51 16.35 3.40
N TRP A 212 -11.66 15.04 3.18
CA TRP A 212 -12.53 14.54 2.12
C TRP A 212 -13.74 13.87 2.77
N ALA A 213 -14.90 14.44 2.52
CA ALA A 213 -16.16 13.86 2.96
C ALA A 213 -16.82 13.19 1.77
N SER A 214 -17.40 12.00 1.99
CA SER A 214 -17.90 11.18 0.90
C SER A 214 -19.26 10.58 1.20
N SER A 215 -20.02 10.36 0.13
CA SER A 215 -21.33 9.71 0.23
C SER A 215 -21.19 8.22 0.47
N PHE A 216 -20.05 7.65 0.14
CA PHE A 216 -19.80 6.24 0.37
C PHE A 216 -18.92 6.06 1.60
N LEU A 217 -19.03 4.90 2.21
CA LEU A 217 -18.11 4.50 3.26
C LEU A 217 -16.84 3.94 2.63
N PRO A 218 -15.69 4.60 2.79
CA PRO A 218 -14.48 4.13 2.10
C PRO A 218 -14.05 2.75 2.58
N ASP A 219 -13.27 2.11 1.71
CA ASP A 219 -12.82 0.73 1.91
C ASP A 219 -12.29 0.49 3.32
N ILE A 220 -11.31 1.29 3.75
CA ILE A 220 -10.70 1.04 5.05
C ILE A 220 -11.74 1.17 6.16
N ALA A 221 -12.64 2.15 6.02
CA ALA A 221 -13.70 2.33 7.00
C ALA A 221 -14.63 1.12 7.05
N GLN A 222 -14.91 0.51 5.89
CA GLN A 222 -15.71 -0.71 5.88
C GLN A 222 -14.99 -1.84 6.60
N ARG A 223 -13.66 -1.93 6.41
CA ARG A 223 -12.91 -2.99 7.06
C ARG A 223 -12.93 -2.83 8.57
N GLU A 224 -12.79 -1.58 9.04
CA GLU A 224 -12.81 -1.33 10.48
C GLU A 224 -14.23 -1.41 11.09
N GLU A 225 -15.23 -0.99 10.34
CA GLU A 225 -16.62 -1.20 10.77
C GLU A 225 -16.90 -2.69 10.96
N ARG A 226 -16.48 -3.51 9.99
CA ARG A 226 -16.76 -4.94 10.07
C ARG A 226 -16.06 -5.56 11.29
N SER A 227 -14.77 -5.26 11.47
CA SER A 227 -14.02 -5.88 12.56
C SER A 227 -14.50 -5.41 13.92
N GLN A 228 -14.73 -4.12 14.08
CA GLN A 228 -15.20 -3.64 15.38
C GLN A 228 -16.60 -4.16 15.70
N GLN A 229 -17.49 -4.18 14.72
CA GLN A 229 -18.84 -4.72 14.95
C GLN A 229 -18.77 -6.17 15.39
N ALA A 230 -18.01 -6.97 14.65
CA ALA A 230 -17.86 -8.37 15.02
C ALA A 230 -17.29 -8.52 16.42
N TYR A 231 -16.26 -7.74 16.75
CA TYR A 231 -15.61 -7.89 18.05
C TYR A 231 -16.58 -7.59 19.18
N LYS A 232 -17.33 -6.49 19.06
CA LYS A 232 -18.26 -6.19 20.14
C LYS A 232 -19.39 -7.21 20.20
N SER A 233 -19.81 -7.76 19.06
CA SER A 233 -20.83 -8.80 19.09
C SER A 233 -20.32 -10.02 19.84
N GLN A 234 -19.06 -10.39 19.64
CA GLN A 234 -18.55 -11.62 20.25
C GLN A 234 -18.11 -11.42 21.69
N HIS A 235 -17.65 -10.23 22.05
CA HIS A 235 -17.01 -10.03 23.33
C HIS A 235 -17.69 -8.99 24.22
N GLY A 236 -18.62 -8.20 23.69
CA GLY A 236 -19.37 -7.27 24.52
C GLY A 236 -18.63 -6.00 24.88
N GLU A 237 -17.45 -5.77 24.34
CA GLU A 237 -16.65 -4.57 24.57
C GLU A 237 -16.12 -4.08 23.25
N PRO A 238 -15.86 -2.78 23.11
CA PRO A 238 -15.23 -2.30 21.87
C PRO A 238 -13.80 -2.82 21.72
N LEU A 239 -13.49 -3.25 20.50
CA LEU A 239 -12.17 -3.77 20.12
C LEU A 239 -11.03 -2.90 20.64
N LEU A 240 -11.02 -1.62 20.30
CA LEU A 240 -9.89 -0.78 20.66
C LEU A 240 -9.88 -0.41 22.14
N MET A 241 -11.01 -0.51 22.86
CA MET A 241 -10.98 -0.32 24.30
C MET A 241 -10.26 -1.47 24.99
N GLU A 242 -10.56 -2.72 24.58
CA GLU A 242 -9.82 -3.85 25.08
C GLU A 242 -8.36 -3.79 24.63
N TYR A 243 -8.10 -3.33 23.41
CA TYR A 243 -6.71 -3.26 22.96
C TYR A 243 -5.93 -2.27 23.81
N SER A 244 -6.51 -1.10 24.11
CA SER A 244 -5.88 -0.14 25.01
C SER A 244 -5.62 -0.75 26.39
N ARG A 245 -6.64 -1.37 26.99
CA ARG A 245 -6.44 -1.97 28.31
C ARG A 245 -5.26 -2.95 28.28
N GLN A 246 -5.23 -3.78 27.24
CA GLN A 246 -4.18 -4.78 27.11
C GLN A 246 -2.81 -4.13 26.95
N GLU A 247 -2.71 -3.08 26.14
CA GLU A 247 -1.39 -2.51 25.92
C GLU A 247 -0.92 -1.74 27.15
N LEU A 248 -1.84 -1.18 27.91
CA LEU A 248 -1.47 -0.62 29.21
C LEU A 248 -0.93 -1.70 30.15
N LEU A 249 -1.51 -2.90 30.09
CA LEU A 249 -1.00 -3.97 30.95
C LEU A 249 0.37 -4.48 30.46
N ARG A 250 0.55 -4.59 29.14
CA ARG A 250 1.73 -5.21 28.57
C ARG A 250 2.90 -4.25 28.47
N LYS A 251 2.62 -2.94 28.36
CA LYS A 251 3.60 -1.86 28.47
C LYS A 251 4.60 -1.76 27.31
N GLU A 252 5.03 -2.89 26.74
CA GLU A 252 6.22 -2.86 25.90
C GLU A 252 6.02 -2.12 24.57
N ARG A 253 4.80 -1.84 24.15
CA ARG A 253 4.59 -1.09 22.92
C ARG A 253 4.06 0.32 23.18
N LEU A 254 3.98 0.72 24.43
CA LEU A 254 3.56 2.09 24.71
C LEU A 254 4.64 3.09 24.30
N VAL A 255 4.20 4.22 23.76
CA VAL A 255 5.06 5.36 23.46
C VAL A 255 4.81 6.52 24.40
N LEU A 256 3.54 6.94 24.52
CA LEU A 256 3.19 8.02 25.44
C LEU A 256 1.88 7.67 26.14
N THR A 257 1.77 8.03 27.42
CA THR A 257 0.49 7.99 28.10
C THR A 257 0.25 9.33 28.77
N SER A 258 -1.00 9.77 28.70
CA SER A 258 -1.42 10.99 29.36
C SER A 258 -2.73 10.74 30.07
N GLU A 259 -3.30 11.79 30.66
CA GLU A 259 -4.53 11.59 31.41
C GLU A 259 -5.64 11.03 30.53
N HIS A 260 -5.75 11.50 29.29
CA HIS A 260 -6.91 11.20 28.47
C HIS A 260 -6.56 10.43 27.21
N TRP A 261 -5.28 10.20 26.95
CA TRP A 261 -4.87 9.69 25.65
C TRP A 261 -3.71 8.70 25.81
N LEU A 262 -3.53 7.85 24.78
CA LEU A 262 -2.32 7.06 24.71
C LEU A 262 -1.87 6.92 23.26
N VAL A 263 -0.54 6.77 23.10
CA VAL A 263 0.11 6.54 21.81
C VAL A 263 0.94 5.28 21.96
N LEU A 264 0.81 4.37 21.00
CA LEU A 264 1.56 3.13 21.07
C LEU A 264 1.96 2.74 19.65
N VAL A 265 2.95 1.84 19.54
CA VAL A 265 3.28 1.20 18.28
C VAL A 265 2.44 -0.07 18.19
N PRO A 266 1.47 -0.15 17.30
CA PRO A 266 0.56 -1.30 17.35
C PRO A 266 1.30 -2.61 17.14
N PHE A 267 0.83 -3.63 17.85
CA PHE A 267 1.37 -5.00 17.73
C PHE A 267 1.55 -5.43 16.27
N TRP A 268 0.63 -5.01 15.40
CA TRP A 268 0.58 -5.40 14.00
C TRP A 268 1.10 -4.31 13.07
N ALA A 269 1.84 -3.34 13.59
CA ALA A 269 2.24 -2.22 12.74
C ALA A 269 3.02 -2.69 11.51
N THR A 270 2.80 -2.01 10.40
CA THR A 270 3.54 -2.26 9.16
C THR A 270 4.63 -1.23 8.88
N TRP A 271 4.38 0.06 9.15
CA TRP A 271 5.47 0.99 8.88
C TRP A 271 6.42 1.04 10.08
N PRO A 272 7.71 1.36 9.85
CA PRO A 272 8.72 1.15 10.91
C PRO A 272 8.34 1.77 12.24
N TYR A 273 8.05 3.08 12.24
CA TYR A 273 7.73 3.80 13.47
C TYR A 273 6.26 4.22 13.52
N GLN A 274 5.42 3.47 12.82
CA GLN A 274 3.97 3.64 12.87
C GLN A 274 3.46 3.76 14.29
N THR A 275 2.51 4.69 14.50
CA THR A 275 1.83 4.75 15.79
C THR A 275 0.33 4.80 15.65
N LEU A 276 -0.32 4.51 16.78
CA LEU A 276 -1.76 4.60 16.95
C LEU A 276 -2.01 5.49 18.17
N LEU A 277 -2.89 6.46 17.99
CA LEU A 277 -3.24 7.45 19.00
C LEU A 277 -4.71 7.28 19.32
N LEU A 278 -5.05 7.04 20.58
CA LEU A 278 -6.47 6.88 20.88
C LEU A 278 -6.80 7.36 22.28
N PRO A 279 -8.04 7.79 22.51
CA PRO A 279 -8.42 8.26 23.84
C PRO A 279 -8.63 7.10 24.81
N ARG A 280 -8.41 7.40 26.09
CA ARG A 280 -8.62 6.39 27.12
C ARG A 280 -10.11 6.14 27.36
N ARG A 281 -10.93 7.18 27.22
CA ARG A 281 -12.38 7.05 27.32
C ARG A 281 -12.94 6.51 26.01
N HIS A 282 -14.07 5.79 26.12
CA HIS A 282 -14.80 5.33 24.94
C HIS A 282 -15.48 6.52 24.29
N VAL A 283 -15.02 6.89 23.10
CA VAL A 283 -15.48 8.07 22.36
C VAL A 283 -15.65 7.65 20.91
N ARG A 284 -16.86 7.86 20.36
CA ARG A 284 -17.10 7.38 19.00
C ARG A 284 -16.60 8.35 17.92
N ARG A 285 -16.71 9.66 18.15
CA ARG A 285 -16.38 10.63 17.12
C ARG A 285 -15.65 11.81 17.75
N LEU A 286 -14.89 12.51 16.90
CA LEU A 286 -14.01 13.57 17.38
C LEU A 286 -14.76 14.72 18.04
N PRO A 287 -15.93 15.15 17.56
CA PRO A 287 -16.58 16.30 18.22
C PRO A 287 -16.97 16.03 19.66
N GLU A 288 -17.05 14.76 20.08
CA GLU A 288 -17.47 14.44 21.44
C GLU A 288 -16.37 14.66 22.47
N LEU A 289 -15.16 14.96 22.03
CA LEU A 289 -14.08 15.23 22.98
C LEU A 289 -14.41 16.48 23.78
N THR A 290 -14.27 16.38 25.10
CA THR A 290 -14.43 17.52 25.99
C THR A 290 -13.25 18.49 25.85
N PRO A 291 -13.41 19.73 26.35
CA PRO A 291 -12.30 20.67 26.27
C PRO A 291 -11.01 20.13 26.88
N ALA A 292 -11.08 19.46 28.03
CA ALA A 292 -9.89 18.89 28.63
C ALA A 292 -9.27 17.82 27.74
N GLU A 293 -10.11 16.98 27.15
CA GLU A 293 -9.60 15.96 26.23
C GLU A 293 -8.95 16.60 25.01
N ARG A 294 -9.47 17.73 24.57
CA ARG A 294 -8.90 18.40 23.38
C ARG A 294 -7.55 19.04 23.70
N ASP A 295 -7.47 19.72 24.85
CA ASP A 295 -6.17 20.25 25.28
C ASP A 295 -5.15 19.14 25.42
N ASP A 296 -5.56 18.01 26.02
CA ASP A 296 -4.61 16.94 26.26
C ASP A 296 -4.24 16.24 24.95
N LEU A 297 -5.16 16.19 23.99
CA LEU A 297 -4.81 15.69 22.67
C LEU A 297 -3.75 16.58 22.05
N ALA A 298 -3.95 17.90 22.13
CA ALA A 298 -2.98 18.82 21.56
C ALA A 298 -1.61 18.60 22.18
N SER A 299 -1.57 18.44 23.51
CA SER A 299 -0.32 18.21 24.23
C SER A 299 0.35 16.91 23.80
N ILE A 300 -0.41 15.80 23.76
CA ILE A 300 0.23 14.52 23.48
C ILE A 300 0.67 14.48 22.01
N MET A 301 -0.06 15.13 21.11
CA MET A 301 0.37 15.20 19.73
C MET A 301 1.66 16.00 19.62
N LYS A 302 1.78 17.08 20.38
CA LYS A 302 3.02 17.83 20.33
C LYS A 302 4.19 16.96 20.81
N LYS A 303 3.97 16.17 21.86
CA LYS A 303 5.04 15.31 22.36
C LYS A 303 5.40 14.22 21.35
N LEU A 304 4.39 13.56 20.79
CA LEU A 304 4.62 12.52 19.80
C LEU A 304 5.40 13.05 18.59
N LEU A 305 4.92 14.16 18.02
CA LEU A 305 5.54 14.67 16.80
C LEU A 305 6.92 15.24 17.07
N THR A 306 7.17 15.72 18.29
CA THR A 306 8.52 16.14 18.66
C THR A 306 9.45 14.94 18.78
N LYS A 307 8.99 13.85 19.41
CA LYS A 307 9.77 12.62 19.42
C LYS A 307 10.11 12.20 18.00
N TYR A 308 9.11 12.22 17.11
CA TYR A 308 9.31 11.84 15.73
C TYR A 308 10.39 12.69 15.07
N ASP A 309 10.33 14.02 15.27
CA ASP A 309 11.35 14.87 14.70
C ASP A 309 12.72 14.59 15.28
N ASN A 310 12.80 14.24 16.57
CA ASN A 310 14.09 13.94 17.20
C ASN A 310 14.66 12.59 16.77
N LEU A 311 13.81 11.68 16.31
CA LEU A 311 14.28 10.34 15.97
C LEU A 311 15.47 10.37 15.02
N PHE A 312 15.35 11.13 13.92
CA PHE A 312 16.43 11.24 12.93
C PHE A 312 16.90 12.69 12.79
N GLU A 313 16.52 13.56 13.73
CA GLU A 313 16.86 14.99 13.69
C GLU A 313 16.58 15.60 12.31
N THR A 314 15.31 15.48 11.91
CA THR A 314 14.84 16.06 10.67
C THR A 314 13.33 16.22 10.83
N SER A 315 12.73 17.03 9.97
CA SER A 315 11.28 17.17 9.98
C SER A 315 10.67 15.89 9.46
N PHE A 316 10.00 15.15 10.33
CA PHE A 316 9.68 13.75 10.09
C PHE A 316 8.48 13.65 9.15
N PRO A 317 8.60 13.01 7.99
CA PRO A 317 7.45 12.88 7.10
C PRO A 317 6.49 11.78 7.53
N TYR A 318 5.23 11.94 7.14
CA TYR A 318 4.25 10.89 7.43
C TYR A 318 2.94 11.19 6.72
N SER A 319 2.08 10.18 6.65
CA SER A 319 0.65 10.38 6.45
C SER A 319 -0.09 10.00 7.71
N MET A 320 -1.11 10.77 8.09
CA MET A 320 -1.88 10.44 9.28
C MET A 320 -3.34 10.80 9.06
N GLY A 321 -4.21 10.19 9.85
CA GLY A 321 -5.62 10.50 9.71
C GLY A 321 -6.46 9.96 10.84
N TRP A 322 -7.68 10.48 10.91
CA TRP A 322 -8.62 10.15 11.98
C TRP A 322 -9.69 9.20 11.47
N HIS A 323 -10.03 8.23 12.33
CA HIS A 323 -11.10 7.26 12.11
C HIS A 323 -12.10 7.35 13.27
N GLY A 324 -13.36 7.63 12.94
CA GLY A 324 -14.42 7.69 13.92
C GLY A 324 -15.70 7.04 13.41
N ALA A 325 -16.71 6.98 14.27
CA ALA A 325 -17.96 6.32 13.85
C ALA A 325 -18.56 7.03 12.65
N PRO A 326 -19.09 6.29 11.67
CA PRO A 326 -19.78 6.94 10.55
C PRO A 326 -20.87 7.90 11.00
N THR A 327 -21.06 8.93 10.19
CA THR A 327 -21.95 10.05 10.47
C THR A 327 -23.12 9.99 9.47
N GLY A 328 -23.48 11.09 8.83
CA GLY A 328 -24.53 11.12 7.82
C GLY A 328 -25.91 10.76 8.33
N SER A 329 -26.68 10.09 7.46
CA SER A 329 -28.09 9.82 7.74
C SER A 329 -28.28 8.89 8.92
N GLU A 330 -27.37 7.92 9.12
CA GLU A 330 -27.54 6.90 10.15
C GLU A 330 -26.71 7.19 11.39
N ALA A 331 -26.34 8.46 11.63
CA ALA A 331 -25.54 8.82 12.80
C ALA A 331 -26.20 8.34 14.09
N GLY A 332 -27.54 8.32 14.13
CA GLY A 332 -28.28 7.94 15.32
C GLY A 332 -28.39 6.46 15.58
N ALA A 333 -27.91 5.62 14.65
CA ALA A 333 -27.89 4.17 14.82
C ALA A 333 -26.93 3.81 15.95
N ASN A 334 -26.75 2.51 16.17
CA ASN A 334 -25.86 2.03 17.22
C ASN A 334 -24.44 1.88 16.66
N TRP A 335 -23.53 2.73 17.16
CA TRP A 335 -22.13 2.71 16.79
C TRP A 335 -21.23 2.50 18.00
N ASN A 336 -21.76 1.87 19.05
CA ASN A 336 -21.02 1.70 20.29
C ASN A 336 -19.80 0.81 20.11
N HIS A 337 -19.71 0.05 19.04
CA HIS A 337 -18.52 -0.73 18.78
C HIS A 337 -17.36 0.11 18.24
N TRP A 338 -17.61 1.36 17.87
CA TRP A 338 -16.57 2.23 17.36
C TRP A 338 -15.80 2.92 18.49
N GLN A 339 -14.51 3.12 18.24
CA GLN A 339 -13.63 3.92 19.09
C GLN A 339 -12.80 4.84 18.22
N LEU A 340 -12.92 6.14 18.48
CA LEU A 340 -12.14 7.15 17.80
C LEU A 340 -10.66 6.81 17.90
N HIS A 341 -9.95 6.96 16.79
CA HIS A 341 -8.48 6.78 16.82
C HIS A 341 -7.84 7.46 15.63
N ALA A 342 -6.52 7.64 15.72
CA ALA A 342 -5.69 8.17 14.65
C ALA A 342 -4.54 7.24 14.32
N HIS A 343 -4.25 7.12 13.02
CA HIS A 343 -3.09 6.39 12.53
C HIS A 343 -2.00 7.35 12.03
N TYR A 344 -0.75 7.04 12.38
CA TYR A 344 0.46 7.64 11.81
C TYR A 344 1.28 6.61 11.05
N TYR A 345 1.57 6.92 9.79
CA TYR A 345 2.27 6.06 8.83
C TYR A 345 3.52 6.79 8.31
N PRO A 346 4.65 6.71 9.00
CA PRO A 346 5.86 7.43 8.55
C PRO A 346 6.72 6.54 7.67
N PRO A 347 7.34 7.07 6.62
CA PRO A 347 8.17 6.21 5.74
C PRO A 347 9.62 6.01 6.19
N LEU A 348 10.16 6.88 7.04
CA LEU A 348 11.59 6.80 7.30
C LEU A 348 11.94 5.56 8.09
N LEU A 349 13.08 4.98 7.77
CA LEU A 349 13.45 3.68 8.31
C LEU A 349 14.68 3.73 9.18
N ARG A 350 15.79 4.29 8.67
CA ARG A 350 17.07 4.27 9.34
C ARG A 350 17.77 5.62 9.44
N SER A 351 17.36 6.63 8.67
CA SER A 351 17.97 7.94 8.76
C SER A 351 16.99 8.96 8.18
N ALA A 352 17.42 10.22 8.16
CA ALA A 352 16.61 11.26 7.54
C ALA A 352 16.34 11.00 6.06
N THR A 353 17.15 10.14 5.43
CA THR A 353 17.07 9.94 3.99
C THR A 353 16.78 8.51 3.57
N VAL A 354 16.81 7.54 4.47
CA VAL A 354 16.65 6.12 4.12
C VAL A 354 15.26 5.68 4.56
N ARG A 355 14.42 5.37 3.60
CA ARG A 355 13.01 5.06 3.84
C ARG A 355 12.69 3.59 3.58
N LYS A 356 11.52 3.19 4.05
CA LYS A 356 10.94 1.90 3.73
C LYS A 356 10.16 2.06 2.43
N PHE A 357 10.35 1.13 1.51
CA PHE A 357 9.60 1.09 0.27
C PHE A 357 8.58 -0.03 0.39
N MET A 358 7.30 0.30 0.23
CA MET A 358 6.24 -0.71 0.24
C MET A 358 6.00 -1.09 -1.21
N VAL A 359 6.85 -2.01 -1.67
CA VAL A 359 6.95 -2.38 -3.07
C VAL A 359 7.08 -3.90 -3.13
N GLY A 360 7.17 -4.42 -4.35
CA GLY A 360 7.50 -5.81 -4.57
C GLY A 360 6.72 -6.80 -3.74
N TYR A 361 7.40 -7.49 -2.83
CA TYR A 361 6.74 -8.51 -2.03
C TYR A 361 5.56 -7.93 -1.28
N GLU A 362 5.71 -6.70 -0.79
N GLU A 362 5.69 -6.70 -0.81
CA GLU A 362 4.65 -6.07 -0.02
CA GLU A 362 4.62 -6.11 -0.01
C GLU A 362 3.40 -5.88 -0.87
C GLU A 362 3.41 -5.73 -0.85
N MET A 363 3.58 -5.58 -2.16
CA MET A 363 2.48 -5.38 -3.07
C MET A 363 1.90 -6.69 -3.57
N LEU A 364 2.69 -7.77 -3.59
CA LEU A 364 2.20 -9.00 -4.19
C LEU A 364 1.86 -10.08 -3.18
N ALA A 365 2.33 -9.93 -1.94
CA ALA A 365 2.13 -10.97 -0.94
C ALA A 365 1.73 -10.37 0.40
N GLN A 366 2.60 -9.59 1.04
CA GLN A 366 2.31 -9.21 2.42
C GLN A 366 3.28 -8.15 2.91
N ALA A 367 2.79 -7.23 3.72
CA ALA A 367 3.69 -6.28 4.35
C ALA A 367 4.77 -6.99 5.15
N GLN A 368 5.95 -6.37 5.16
CA GLN A 368 7.14 -6.93 5.79
CA GLN A 368 7.14 -6.93 5.79
C GLN A 368 7.90 -5.84 6.53
N ARG A 369 8.43 -6.18 7.70
CA ARG A 369 9.22 -5.26 8.50
C ARG A 369 10.36 -6.02 9.15
N ASP A 370 11.48 -5.32 9.38
CA ASP A 370 12.64 -5.86 10.07
C ASP A 370 12.66 -5.50 11.54
N LEU A 371 12.60 -4.20 11.84
CA LEU A 371 12.50 -3.72 13.20
C LEU A 371 11.17 -4.16 13.81
N THR A 372 11.20 -4.71 15.02
CA THR A 372 9.95 -5.11 15.67
C THR A 372 9.21 -3.89 16.23
N PRO A 373 7.88 -3.98 16.35
CA PRO A 373 7.14 -2.90 17.00
C PRO A 373 7.66 -2.56 18.40
N GLU A 374 8.19 -3.57 19.11
CA GLU A 374 8.66 -3.35 20.48
C GLU A 374 9.97 -2.58 20.47
N GLN A 375 10.86 -2.89 19.52
CA GLN A 375 12.08 -2.11 19.35
C GLN A 375 11.77 -0.68 18.95
N ALA A 376 10.85 -0.51 18.00
CA ALA A 376 10.45 0.83 17.59
C ALA A 376 9.91 1.63 18.77
N ALA A 377 9.04 1.01 19.57
CA ALA A 377 8.45 1.73 20.70
C ALA A 377 9.50 2.05 21.75
N GLU A 378 10.42 1.12 22.00
CA GLU A 378 11.48 1.43 22.96
C GLU A 378 12.28 2.64 22.52
N ARG A 379 12.60 2.71 21.22
CA ARG A 379 13.37 3.84 20.71
C ARG A 379 12.57 5.13 20.82
N LEU A 380 11.28 5.10 20.45
CA LEU A 380 10.45 6.30 20.58
C LEU A 380 10.33 6.76 22.03
N ARG A 381 10.17 5.83 22.98
CA ARG A 381 10.01 6.25 24.38
C ARG A 381 11.25 6.97 24.88
N ALA A 382 12.43 6.57 24.38
CA ALA A 382 13.69 7.13 24.85
C ALA A 382 13.98 8.54 24.31
N LEU A 383 13.25 8.98 23.28
CA LEU A 383 13.58 10.25 22.65
C LEU A 383 13.06 11.43 23.48
N PRO A 384 13.81 12.53 23.50
CA PRO A 384 13.35 13.70 24.26
C PRO A 384 12.04 14.27 23.73
N GLU A 385 11.32 14.95 24.62
CA GLU A 385 10.14 15.73 24.25
C GLU A 385 10.47 17.19 23.99
N VAL A 386 11.75 17.58 24.11
CA VAL A 386 12.23 18.90 23.70
C VAL A 386 12.80 18.79 22.29
N HIS A 387 12.35 19.68 21.41
CA HIS A 387 12.70 19.61 20.00
C HIS A 387 14.17 19.97 19.76
N TYR A 388 14.81 19.26 18.85
CA TYR A 388 16.23 19.51 18.56
C TYR A 388 16.38 20.90 17.95
N ASP B 50 -17.76 10.12 -18.37
CA ASP B 50 -16.67 10.15 -17.39
C ASP B 50 -17.01 11.03 -16.20
N HIS B 51 -17.71 10.44 -15.23
CA HIS B 51 -18.11 11.10 -14.00
C HIS B 51 -17.53 10.33 -12.84
N GLN B 52 -17.26 11.02 -11.73
CA GLN B 52 -16.72 10.31 -10.58
C GLN B 52 -17.65 9.18 -10.16
N HIS B 53 -17.05 8.07 -9.71
CA HIS B 53 -17.78 6.90 -9.22
C HIS B 53 -16.76 6.00 -8.51
N ILE B 54 -17.24 4.90 -7.93
CA ILE B 54 -16.35 3.92 -7.31
C ILE B 54 -16.56 2.60 -8.01
N ARG B 55 -15.48 1.83 -8.08
CA ARG B 55 -15.46 0.54 -8.75
C ARG B 55 -14.90 -0.52 -7.81
N TYR B 56 -15.40 -1.74 -7.96
CA TYR B 56 -15.04 -2.86 -7.09
C TYR B 56 -14.04 -3.78 -7.76
N ASN B 57 -13.04 -4.19 -7.00
CA ASN B 57 -12.07 -5.25 -7.28
C ASN B 57 -12.58 -6.52 -6.62
N PRO B 58 -13.16 -7.45 -7.41
CA PRO B 58 -13.66 -8.71 -6.84
C PRO B 58 -12.57 -9.72 -6.52
N LEU B 59 -11.37 -9.56 -7.09
CA LEU B 59 -10.26 -10.48 -6.86
C LEU B 59 -9.61 -10.26 -5.49
N GLN B 60 -9.45 -9.02 -5.06
CA GLN B 60 -8.87 -8.75 -3.74
C GLN B 60 -9.84 -8.05 -2.80
N ASP B 61 -11.10 -7.86 -3.21
CA ASP B 61 -12.18 -7.32 -2.37
C ASP B 61 -11.85 -5.91 -1.88
N GLU B 62 -11.84 -4.98 -2.84
CA GLU B 62 -11.40 -3.62 -2.55
C GLU B 62 -12.14 -2.65 -3.44
N TRP B 63 -12.51 -1.47 -2.93
CA TRP B 63 -13.10 -0.45 -3.80
C TRP B 63 -12.03 0.59 -4.13
N VAL B 64 -12.17 1.18 -5.32
CA VAL B 64 -11.33 2.29 -5.78
C VAL B 64 -12.22 3.44 -6.22
N LEU B 65 -11.80 4.66 -5.89
CA LEU B 65 -12.48 5.85 -6.33
C LEU B 65 -11.90 6.30 -7.66
N VAL B 66 -12.76 6.44 -8.65
CA VAL B 66 -12.41 6.95 -9.97
C VAL B 66 -12.97 8.36 -10.07
N SER B 67 -12.07 9.34 -9.94
CA SER B 67 -12.39 10.76 -10.14
C SER B 67 -12.15 11.13 -11.60
N ALA B 68 -13.00 10.58 -12.46
CA ALA B 68 -12.82 10.80 -13.90
C ALA B 68 -12.95 12.27 -14.28
N HIS B 69 -13.73 13.03 -13.52
CA HIS B 69 -13.96 14.44 -13.82
C HIS B 69 -12.72 15.32 -13.68
N ARG B 70 -11.57 14.75 -13.33
CA ARG B 70 -10.34 15.52 -13.17
C ARG B 70 -9.24 15.06 -14.13
N THR B 86 23.71 5.80 -17.08
CA THR B 86 24.18 4.74 -18.00
C THR B 86 24.85 3.60 -17.23
N VAL B 87 24.35 2.38 -17.41
CA VAL B 87 24.80 1.21 -16.66
C VAL B 87 25.84 0.48 -17.50
N PRO B 88 27.05 0.22 -16.99
CA PRO B 88 28.01 -0.56 -17.76
C PRO B 88 27.56 -2.01 -17.90
N ARG B 89 27.93 -2.61 -19.03
CA ARG B 89 27.48 -3.97 -19.30
C ARG B 89 27.95 -4.95 -18.22
N HIS B 90 29.13 -4.69 -17.66
CA HIS B 90 29.67 -5.53 -16.60
C HIS B 90 30.41 -4.66 -15.61
N ASP B 91 30.29 -5.02 -14.34
CA ASP B 91 31.01 -4.34 -13.26
C ASP B 91 31.48 -5.41 -12.29
N PRO B 92 32.79 -5.62 -12.14
CA PRO B 92 33.26 -6.72 -11.29
C PRO B 92 32.85 -6.58 -9.85
N LEU B 93 32.43 -5.38 -9.43
CA LEU B 93 31.96 -5.15 -8.08
C LEU B 93 30.44 -5.27 -7.93
N ASN B 94 29.72 -5.54 -9.02
CA ASN B 94 28.28 -5.76 -8.89
C ASN B 94 28.06 -7.22 -8.57
N PRO B 95 27.60 -7.58 -7.37
CA PRO B 95 27.53 -8.99 -6.99
C PRO B 95 26.54 -9.82 -7.81
N LEU B 96 25.78 -9.24 -8.73
CA LEU B 96 24.92 -10.01 -9.61
C LEU B 96 25.57 -10.30 -10.96
N CYS B 97 26.77 -9.76 -11.21
CA CYS B 97 27.39 -9.97 -12.52
C CYS B 97 28.09 -11.33 -12.58
N PRO B 98 28.18 -11.90 -13.78
CA PRO B 98 29.03 -13.09 -13.97
C PRO B 98 30.44 -12.81 -13.45
N GLY B 99 31.01 -13.78 -12.72
CA GLY B 99 32.36 -13.65 -12.21
C GLY B 99 32.53 -12.85 -10.93
N ALA B 100 31.48 -12.20 -10.46
CA ALA B 100 31.62 -11.28 -9.34
C ALA B 100 31.50 -12.04 -8.01
N ILE B 101 31.97 -11.40 -6.95
CA ILE B 101 31.97 -11.97 -5.61
C ILE B 101 30.72 -11.50 -4.90
N ARG B 102 30.01 -12.43 -4.30
CA ARG B 102 28.83 -12.12 -3.51
C ARG B 102 29.19 -11.87 -2.06
N ALA B 103 28.20 -11.40 -1.30
CA ALA B 103 28.45 -11.02 0.08
C ALA B 103 28.96 -12.18 0.91
N ASN B 104 28.58 -13.42 0.58
CA ASN B 104 29.08 -14.58 1.32
C ASN B 104 30.45 -15.08 0.81
N GLY B 105 31.07 -14.37 -0.13
CA GLY B 105 32.40 -14.71 -0.61
C GLY B 105 32.40 -15.65 -1.79
N GLU B 106 31.24 -16.19 -2.15
CA GLU B 106 31.14 -17.07 -3.31
C GLU B 106 31.30 -16.26 -4.59
N VAL B 107 31.94 -16.88 -5.58
CA VAL B 107 32.19 -16.26 -6.88
C VAL B 107 31.12 -16.74 -7.85
N ASN B 108 30.46 -15.81 -8.52
CA ASN B 108 29.47 -16.17 -9.51
C ASN B 108 30.12 -16.87 -10.69
N PRO B 109 29.47 -17.86 -11.27
CA PRO B 109 30.00 -18.46 -12.50
C PRO B 109 29.92 -17.50 -13.67
N GLN B 110 30.58 -17.92 -14.76
CA GLN B 110 30.53 -17.19 -16.02
C GLN B 110 29.23 -17.55 -16.77
N TYR B 111 28.11 -17.22 -16.17
CA TYR B 111 26.84 -17.65 -16.72
C TYR B 111 26.46 -16.85 -17.96
N ASP B 112 25.81 -17.51 -18.93
CA ASP B 112 25.48 -16.82 -20.18
C ASP B 112 23.99 -16.68 -20.40
N SER B 113 23.16 -17.08 -19.42
CA SER B 113 21.71 -17.01 -19.51
C SER B 113 21.19 -16.52 -18.15
N THR B 114 20.34 -17.28 -17.45
CA THR B 114 19.85 -16.87 -16.14
C THR B 114 20.76 -17.44 -15.05
N PHE B 115 20.67 -16.87 -13.85
CA PHE B 115 21.46 -17.34 -12.71
C PHE B 115 20.68 -17.18 -11.41
N LEU B 116 20.59 -18.26 -10.63
CA LEU B 116 19.80 -18.30 -9.41
C LEU B 116 20.73 -18.51 -8.22
N PHE B 117 20.61 -17.66 -7.18
CA PHE B 117 21.42 -17.86 -6.00
C PHE B 117 20.61 -17.48 -4.77
N ASP B 118 21.08 -17.93 -3.62
CA ASP B 118 20.43 -17.62 -2.35
C ASP B 118 20.71 -16.19 -1.93
N ASN B 119 19.66 -15.45 -1.55
CA ASN B 119 19.83 -14.09 -1.06
C ASN B 119 20.68 -14.12 0.19
N ASP B 120 21.76 -13.34 0.19
CA ASP B 120 22.69 -13.25 1.30
C ASP B 120 22.14 -12.45 2.47
N PHE B 121 21.06 -11.70 2.27
CA PHE B 121 20.43 -10.88 3.31
C PHE B 121 18.94 -11.19 3.33
N PRO B 122 18.56 -12.45 3.57
CA PRO B 122 17.18 -12.88 3.30
C PRO B 122 16.19 -12.43 4.35
N ALA B 123 14.97 -12.14 3.89
CA ALA B 123 13.85 -11.78 4.76
C ALA B 123 13.27 -13.00 5.46
N LEU B 124 13.43 -14.19 4.87
CA LEU B 124 13.00 -15.45 5.46
C LEU B 124 14.16 -16.43 5.48
N GLN B 125 14.30 -17.15 6.59
CA GLN B 125 15.19 -18.28 6.79
C GLN B 125 14.39 -19.58 6.82
N PRO B 126 14.98 -20.71 6.41
CA PRO B 126 14.19 -21.96 6.38
C PRO B 126 13.92 -22.54 7.75
N ASP B 127 14.72 -22.21 8.75
CA ASP B 127 14.58 -22.72 10.09
C ASP B 127 14.22 -21.54 11.01
N ALA B 128 13.26 -21.77 11.90
CA ALA B 128 12.88 -20.77 12.89
C ALA B 128 11.97 -21.39 13.92
N PRO B 129 12.09 -21.03 15.20
CA PRO B 129 11.12 -21.51 16.19
C PRO B 129 9.77 -20.84 16.01
N SER B 130 8.74 -21.56 16.41
CA SER B 130 7.41 -21.01 16.33
C SER B 130 7.14 -20.16 17.58
N PRO B 131 6.37 -19.09 17.43
CA PRO B 131 5.90 -18.38 18.62
C PRO B 131 4.92 -19.26 19.38
N GLY B 132 4.75 -18.96 20.66
CA GLY B 132 3.79 -19.68 21.47
C GLY B 132 2.39 -19.53 20.90
N PRO B 133 1.45 -20.31 21.42
CA PRO B 133 0.05 -20.10 21.03
C PRO B 133 -0.43 -18.76 21.55
N SER B 134 -1.43 -18.20 20.87
CA SER B 134 -1.89 -16.86 21.19
C SER B 134 -2.80 -16.87 22.41
N ASP B 135 -2.50 -16.01 23.38
CA ASP B 135 -3.27 -15.96 24.61
C ASP B 135 -4.43 -14.95 24.56
N HIS B 136 -4.65 -14.27 23.43
CA HIS B 136 -5.62 -13.19 23.39
C HIS B 136 -6.00 -12.94 21.95
N PRO B 137 -7.29 -12.77 21.65
CA PRO B 137 -7.71 -12.63 20.24
C PRO B 137 -7.18 -11.38 19.55
N LEU B 138 -6.69 -10.39 20.29
CA LEU B 138 -6.11 -9.22 19.64
C LEU B 138 -4.61 -9.32 19.47
N PHE B 139 -3.96 -10.39 19.94
CA PHE B 139 -2.49 -10.52 19.85
C PHE B 139 -2.16 -11.88 19.26
N GLN B 140 -2.37 -12.04 17.96
CA GLN B 140 -2.25 -13.33 17.31
C GLN B 140 -0.98 -13.33 16.48
N ALA B 141 -0.15 -14.36 16.67
CA ALA B 141 1.08 -14.50 15.89
C ALA B 141 1.21 -15.97 15.49
N LYS B 142 1.79 -16.19 14.32
CA LYS B 142 2.04 -17.52 13.81
C LYS B 142 3.48 -17.65 13.33
N SER B 143 3.89 -18.90 13.11
CA SER B 143 5.25 -19.17 12.69
C SER B 143 5.47 -18.69 11.26
N ALA B 144 6.74 -18.55 10.91
CA ALA B 144 7.13 -18.16 9.56
C ALA B 144 8.46 -18.82 9.23
N ARG B 145 8.50 -19.48 8.06
CA ARG B 145 9.71 -20.08 7.51
C ARG B 145 9.70 -19.86 6.00
N GLY B 146 10.88 -19.82 5.41
CA GLY B 146 10.92 -19.66 3.96
C GLY B 146 12.35 -19.61 3.43
N VAL B 147 12.45 -19.44 2.12
CA VAL B 147 13.74 -19.26 1.46
C VAL B 147 13.55 -18.15 0.43
N CYS B 148 14.56 -17.30 0.34
CA CYS B 148 14.57 -16.16 -0.57
C CYS B 148 15.75 -16.32 -1.52
N LYS B 149 15.47 -16.26 -2.81
CA LYS B 149 16.46 -16.37 -3.85
C LYS B 149 16.40 -15.16 -4.76
N VAL B 150 17.51 -14.99 -5.50
CA VAL B 150 17.67 -13.95 -6.49
C VAL B 150 17.89 -14.64 -7.81
N MET B 151 17.23 -14.15 -8.86
CA MET B 151 17.35 -14.70 -10.20
C MET B 151 17.75 -13.60 -11.18
N CYS B 152 18.99 -13.67 -11.67
CA CYS B 152 19.44 -12.83 -12.77
C CYS B 152 18.85 -13.33 -14.08
N PHE B 153 18.30 -12.37 -14.86
CA PHE B 153 17.61 -12.66 -16.12
C PHE B 153 18.54 -12.93 -17.27
N HIS B 154 19.75 -12.38 -17.23
CA HIS B 154 20.66 -12.22 -18.36
C HIS B 154 22.03 -11.82 -17.82
N PRO B 155 23.15 -12.14 -18.49
CA PRO B 155 24.46 -11.71 -17.95
C PRO B 155 24.73 -10.24 -18.12
N TRP B 156 24.03 -9.54 -19.01
CA TRP B 156 24.38 -8.14 -19.26
C TRP B 156 23.62 -7.25 -18.29
N SER B 157 24.35 -6.36 -17.62
CA SER B 157 23.69 -5.46 -16.68
C SER B 157 22.89 -4.38 -17.38
N ASP B 158 23.29 -4.02 -18.59
N ASP B 158 23.26 -4.03 -18.61
CA ASP B 158 22.69 -2.92 -19.33
CA ASP B 158 22.67 -2.88 -19.28
C ASP B 158 21.56 -3.36 -20.26
C ASP B 158 21.40 -3.24 -20.07
N VAL B 159 20.89 -4.46 -19.95
CA VAL B 159 19.66 -4.84 -20.65
C VAL B 159 18.53 -4.96 -19.64
N THR B 160 17.32 -4.83 -20.15
CA THR B 160 16.10 -5.09 -19.39
C THR B 160 15.26 -6.04 -20.22
N LEU B 161 14.17 -6.55 -19.64
CA LEU B 161 13.36 -7.53 -20.35
C LEU B 161 12.93 -7.05 -21.73
N PRO B 162 12.44 -5.81 -21.92
CA PRO B 162 11.98 -5.40 -23.27
C PRO B 162 13.08 -5.30 -24.30
N LEU B 163 14.35 -5.17 -23.88
CA LEU B 163 15.48 -5.16 -24.81
C LEU B 163 16.00 -6.56 -25.08
N MET B 164 15.47 -7.58 -24.41
CA MET B 164 15.97 -8.94 -24.58
C MET B 164 15.23 -9.63 -25.72
N SER B 165 15.86 -10.67 -26.26
CA SER B 165 15.22 -11.42 -27.32
C SER B 165 14.16 -12.35 -26.75
N VAL B 166 13.29 -12.81 -27.63
CA VAL B 166 12.25 -13.75 -27.23
C VAL B 166 12.87 -15.02 -26.67
N PRO B 167 13.87 -15.64 -27.30
CA PRO B 167 14.52 -16.80 -26.65
C PRO B 167 15.11 -16.49 -25.27
N GLU B 168 15.70 -15.32 -25.10
CA GLU B 168 16.25 -14.98 -23.79
C GLU B 168 15.15 -14.87 -22.73
N ILE B 169 14.05 -14.22 -23.09
CA ILE B 169 12.91 -14.12 -22.18
C ILE B 169 12.30 -15.49 -21.95
N ARG B 170 12.33 -16.36 -22.96
CA ARG B 170 11.86 -17.72 -22.73
C ARG B 170 12.71 -18.41 -21.70
N ALA B 171 14.03 -18.13 -21.69
CA ALA B 171 14.89 -18.68 -20.65
C ALA B 171 14.45 -18.21 -19.27
N VAL B 172 14.04 -16.95 -19.18
CA VAL B 172 13.51 -16.45 -17.91
C VAL B 172 12.26 -17.22 -17.51
N VAL B 173 11.34 -17.41 -18.44
CA VAL B 173 10.10 -18.12 -18.14
C VAL B 173 10.41 -19.54 -17.67
N ASP B 174 11.33 -20.22 -18.36
CA ASP B 174 11.70 -21.56 -17.92
C ASP B 174 12.28 -21.55 -16.51
N ALA B 175 13.08 -20.53 -16.17
CA ALA B 175 13.67 -20.49 -14.84
C ALA B 175 12.60 -20.19 -13.77
N TRP B 176 11.59 -19.39 -14.12
CA TRP B 176 10.46 -19.18 -13.21
C TRP B 176 9.71 -20.47 -12.95
N ALA B 177 9.47 -21.25 -14.01
CA ALA B 177 8.80 -22.51 -13.80
C ALA B 177 9.64 -23.45 -12.94
N SER B 178 10.95 -23.51 -13.20
CA SER B 178 11.81 -24.42 -12.44
C SER B 178 11.86 -24.06 -10.96
N VAL B 179 12.01 -22.78 -10.64
CA VAL B 179 12.11 -22.46 -9.21
C VAL B 179 10.75 -22.62 -8.53
N THR B 180 9.63 -22.42 -9.25
CA THR B 180 8.33 -22.70 -8.65
C THR B 180 8.18 -24.18 -8.35
N GLU B 181 8.52 -25.04 -9.31
CA GLU B 181 8.45 -26.47 -9.04
C GLU B 181 9.35 -26.86 -7.88
N GLU B 182 10.57 -26.32 -7.84
CA GLU B 182 11.56 -26.74 -6.85
C GLU B 182 11.15 -26.31 -5.45
N LEU B 183 10.87 -25.03 -5.26
CA LEU B 183 10.51 -24.54 -3.92
C LEU B 183 9.08 -24.91 -3.54
N GLY B 184 8.22 -25.12 -4.53
CA GLY B 184 6.84 -25.52 -4.27
C GLY B 184 6.71 -26.90 -3.65
N ALA B 185 7.74 -27.75 -3.78
CA ALA B 185 7.73 -29.04 -3.10
C ALA B 185 7.79 -28.91 -1.59
N GLN B 186 8.29 -27.80 -1.05
CA GLN B 186 8.45 -27.63 0.38
C GLN B 186 7.58 -26.51 0.96
N TYR B 187 7.15 -25.55 0.15
CA TYR B 187 6.49 -24.37 0.66
C TYR B 187 5.16 -24.17 -0.06
N PRO B 188 4.08 -23.84 0.67
CA PRO B 188 2.79 -23.65 0.00
C PRO B 188 2.71 -22.39 -0.83
N TRP B 189 3.61 -21.40 -0.66
CA TRP B 189 3.53 -20.23 -1.53
C TRP B 189 4.93 -19.84 -2.01
N VAL B 190 5.09 -19.71 -3.35
CA VAL B 190 6.32 -19.29 -3.99
C VAL B 190 6.00 -18.00 -4.71
N GLN B 191 6.55 -16.89 -4.20
CA GLN B 191 6.24 -15.60 -4.78
C GLN B 191 7.44 -15.12 -5.58
N ILE B 192 7.27 -15.12 -6.92
CA ILE B 192 8.20 -14.49 -7.85
C ILE B 192 7.73 -13.05 -8.02
N PHE B 193 8.66 -12.11 -7.89
CA PHE B 193 8.37 -10.72 -8.16
C PHE B 193 9.63 -10.00 -8.64
N GLU B 194 9.41 -8.97 -9.45
CA GLU B 194 10.47 -8.06 -9.93
C GLU B 194 10.18 -6.66 -9.42
N ASN B 195 11.20 -6.03 -8.85
CA ASN B 195 11.16 -4.61 -8.44
CA ASN B 195 11.14 -4.63 -8.46
C ASN B 195 12.09 -3.86 -9.37
N LYS B 196 11.52 -3.13 -10.32
CA LYS B 196 12.29 -2.47 -11.38
C LYS B 196 12.32 -0.97 -11.15
N GLY B 197 13.53 -0.44 -11.00
CA GLY B 197 13.72 1.00 -10.98
C GLY B 197 13.98 1.53 -9.59
N ALA B 198 14.86 2.53 -9.51
CA ALA B 198 15.12 3.17 -8.23
C ALA B 198 13.84 3.69 -7.60
N MET B 199 12.88 4.10 -8.44
CA MET B 199 11.62 4.60 -7.93
C MET B 199 10.87 3.55 -7.13
N MET B 200 11.19 2.27 -7.35
CA MET B 200 10.69 1.20 -6.51
C MET B 200 11.73 0.74 -5.49
N GLY B 201 12.74 1.56 -5.20
CA GLY B 201 13.76 1.25 -4.21
C GLY B 201 14.75 0.19 -4.62
N CYS B 202 14.73 -0.23 -5.88
CA CYS B 202 15.75 -1.14 -6.39
C CYS B 202 17.08 -0.43 -6.48
N SER B 203 18.10 -0.98 -5.82
CA SER B 203 19.43 -0.38 -5.77
C SER B 203 20.41 -1.02 -6.74
N ASN B 204 20.06 -2.13 -7.36
CA ASN B 204 20.99 -2.82 -8.23
C ASN B 204 20.38 -2.90 -9.63
N PRO B 205 20.99 -2.27 -10.64
CA PRO B 205 20.36 -2.16 -11.96
C PRO B 205 20.48 -3.41 -12.82
N HIS B 206 21.17 -4.44 -12.36
CA HIS B 206 21.28 -5.66 -13.16
C HIS B 206 19.90 -6.31 -13.29
N PRO B 207 19.55 -6.86 -14.47
CA PRO B 207 18.19 -7.40 -14.69
C PRO B 207 17.95 -8.65 -13.85
N HIS B 208 16.95 -8.59 -12.97
CA HIS B 208 16.68 -9.72 -12.12
C HIS B 208 15.34 -9.60 -11.45
N CYS B 209 14.94 -10.71 -10.82
CA CYS B 209 13.79 -10.76 -9.94
C CYS B 209 14.20 -11.46 -8.65
N GLN B 210 13.28 -11.52 -7.71
CA GLN B 210 13.44 -12.28 -6.48
C GLN B 210 12.32 -13.31 -6.37
N VAL B 211 12.57 -14.28 -5.51
CA VAL B 211 11.66 -15.37 -5.28
C VAL B 211 11.66 -15.60 -3.78
N TRP B 212 10.55 -15.30 -3.10
CA TRP B 212 10.38 -15.62 -1.69
C TRP B 212 9.34 -16.72 -1.53
N ALA B 213 9.77 -17.86 -1.02
CA ALA B 213 8.90 -18.99 -0.73
C ALA B 213 8.65 -19.04 0.76
N SER B 214 7.38 -19.24 1.13
CA SER B 214 6.97 -19.15 2.51
C SER B 214 6.08 -20.32 2.91
N SER B 215 6.20 -20.64 4.21
CA SER B 215 5.44 -21.66 4.88
C SER B 215 4.01 -21.23 5.13
N PHE B 216 3.75 -19.92 5.17
CA PHE B 216 2.43 -19.37 5.33
C PHE B 216 1.93 -18.90 3.97
N LEU B 217 0.62 -18.88 3.84
CA LEU B 217 0.02 -18.26 2.68
C LEU B 217 -0.02 -16.75 2.94
N PRO B 218 0.68 -15.92 2.16
CA PRO B 218 0.68 -14.48 2.45
C PRO B 218 -0.72 -13.87 2.33
N ASP B 219 -0.86 -12.70 2.95
CA ASP B 219 -2.14 -12.01 3.02
C ASP B 219 -2.84 -11.90 1.67
N ILE B 220 -2.14 -11.38 0.66
CA ILE B 220 -2.77 -11.17 -0.65
C ILE B 220 -3.20 -12.49 -1.25
N ALA B 221 -2.37 -13.51 -1.10
CA ALA B 221 -2.76 -14.84 -1.58
C ALA B 221 -4.00 -15.36 -0.87
N GLN B 222 -4.13 -15.10 0.45
CA GLN B 222 -5.34 -15.49 1.15
C GLN B 222 -6.55 -14.77 0.59
N ARG B 223 -6.39 -13.49 0.24
CA ARG B 223 -7.51 -12.72 -0.27
C ARG B 223 -7.99 -13.26 -1.62
N GLU B 224 -7.04 -13.58 -2.50
CA GLU B 224 -7.37 -14.11 -3.83
C GLU B 224 -7.88 -15.53 -3.77
N GLU B 225 -7.37 -16.33 -2.83
CA GLU B 225 -7.93 -17.66 -2.58
C GLU B 225 -9.38 -17.55 -2.16
N ARG B 226 -9.68 -16.65 -1.23
CA ARG B 226 -11.03 -16.50 -0.73
C ARG B 226 -11.98 -16.07 -1.84
N SER B 227 -11.59 -15.05 -2.61
CA SER B 227 -12.49 -14.56 -3.64
C SER B 227 -12.67 -15.59 -4.77
N GLN B 228 -11.58 -16.22 -5.20
CA GLN B 228 -11.71 -17.20 -6.28
C GLN B 228 -12.51 -18.42 -5.86
N GLN B 229 -12.27 -18.93 -4.65
CA GLN B 229 -13.06 -20.04 -4.15
C GLN B 229 -14.56 -19.68 -4.13
N ALA B 230 -14.87 -18.50 -3.59
CA ALA B 230 -16.26 -18.06 -3.54
C ALA B 230 -16.85 -17.93 -4.95
N TYR B 231 -16.09 -17.36 -5.88
CA TYR B 231 -16.61 -17.13 -7.22
C TYR B 231 -16.90 -18.45 -7.90
N LYS B 232 -16.00 -19.42 -7.80
CA LYS B 232 -16.27 -20.67 -8.50
C LYS B 232 -17.42 -21.46 -7.86
N SER B 233 -17.59 -21.37 -6.54
CA SER B 233 -18.77 -21.99 -5.93
C SER B 233 -20.06 -21.31 -6.37
N GLN B 234 -20.05 -19.99 -6.50
CA GLN B 234 -21.28 -19.28 -6.80
C GLN B 234 -21.65 -19.33 -8.27
N HIS B 235 -20.67 -19.42 -9.18
CA HIS B 235 -20.92 -19.26 -10.60
C HIS B 235 -20.45 -20.43 -11.45
N GLY B 236 -19.68 -21.36 -10.90
CA GLY B 236 -19.28 -22.53 -11.67
C GLY B 236 -18.14 -22.30 -12.63
N GLU B 237 -17.51 -21.14 -12.62
CA GLU B 237 -16.38 -20.86 -13.49
C GLU B 237 -15.31 -20.16 -12.67
N PRO B 238 -14.04 -20.29 -13.05
CA PRO B 238 -12.99 -19.53 -12.34
C PRO B 238 -13.19 -18.05 -12.55
N LEU B 239 -13.08 -17.29 -11.47
CA LEU B 239 -13.22 -15.84 -11.53
C LEU B 239 -12.50 -15.22 -12.74
N LEU B 240 -11.19 -15.47 -12.87
CA LEU B 240 -10.40 -14.80 -13.91
C LEU B 240 -10.65 -15.38 -15.30
N MET B 241 -11.16 -16.59 -15.39
CA MET B 241 -11.54 -17.07 -16.73
C MET B 241 -12.76 -16.32 -17.24
N GLU B 242 -13.77 -16.12 -16.38
CA GLU B 242 -14.91 -15.31 -16.76
C GLU B 242 -14.47 -13.88 -16.98
N TYR B 243 -13.56 -13.37 -16.16
CA TYR B 243 -13.10 -12.00 -16.39
C TYR B 243 -12.43 -11.85 -17.76
N SER B 244 -11.55 -12.79 -18.13
CA SER B 244 -10.96 -12.76 -19.48
C SER B 244 -12.03 -12.80 -20.54
N ARG B 245 -12.97 -13.74 -20.42
CA ARG B 245 -14.04 -13.85 -21.41
C ARG B 245 -14.75 -12.50 -21.55
N GLN B 246 -15.07 -11.88 -20.42
CA GLN B 246 -15.80 -10.63 -20.45
C GLN B 246 -14.98 -9.50 -21.06
N GLU B 247 -13.70 -9.39 -20.70
CA GLU B 247 -12.94 -8.29 -21.26
C GLU B 247 -12.67 -8.50 -22.75
N LEU B 248 -12.58 -9.75 -23.21
CA LEU B 248 -12.55 -9.98 -24.66
C LEU B 248 -13.83 -9.51 -25.33
N LEU B 249 -14.99 -9.69 -24.68
CA LEU B 249 -16.23 -9.19 -25.26
C LEU B 249 -16.31 -7.67 -25.21
N ARG B 250 -15.83 -7.07 -24.12
CA ARG B 250 -16.02 -5.65 -23.89
C ARG B 250 -14.98 -4.79 -24.60
N LYS B 251 -13.79 -5.36 -24.85
CA LYS B 251 -12.75 -4.80 -25.71
C LYS B 251 -12.02 -3.57 -25.17
N GLU B 252 -12.74 -2.67 -24.49
CA GLU B 252 -12.19 -1.34 -24.22
C GLU B 252 -11.04 -1.31 -23.21
N ARG B 253 -10.80 -2.37 -22.44
CA ARG B 253 -9.68 -2.39 -21.54
C ARG B 253 -8.57 -3.34 -21.99
N LEU B 254 -8.68 -3.94 -23.16
CA LEU B 254 -7.62 -4.80 -23.68
C LEU B 254 -6.40 -3.95 -24.05
N VAL B 255 -5.22 -4.49 -23.77
CA VAL B 255 -3.95 -3.91 -24.19
C VAL B 255 -3.31 -4.73 -25.29
N LEU B 256 -3.17 -6.04 -25.05
CA LEU B 256 -2.61 -6.95 -26.03
C LEU B 256 -3.41 -8.25 -26.03
N THR B 257 -3.55 -8.87 -27.20
CA THR B 257 -4.03 -10.24 -27.28
C THR B 257 -3.08 -11.04 -28.17
N SER B 258 -2.82 -12.27 -27.78
CA SER B 258 -2.05 -13.21 -28.58
C SER B 258 -2.76 -14.57 -28.59
N GLU B 259 -2.13 -15.56 -29.23
CA GLU B 259 -2.77 -16.87 -29.35
C GLU B 259 -3.07 -17.45 -27.97
N HIS B 260 -2.17 -17.26 -27.00
CA HIS B 260 -2.25 -17.93 -25.71
C HIS B 260 -2.39 -16.99 -24.51
N TRP B 261 -2.38 -15.68 -24.71
CA TRP B 261 -2.27 -14.74 -23.60
C TRP B 261 -3.11 -13.50 -23.86
N LEU B 262 -3.44 -12.80 -22.78
CA LEU B 262 -3.96 -11.46 -22.97
C LEU B 262 -3.44 -10.56 -21.85
N VAL B 263 -3.34 -9.29 -22.20
CA VAL B 263 -2.95 -8.24 -21.28
C VAL B 263 -4.04 -7.18 -21.29
N LEU B 264 -4.45 -6.75 -20.11
CA LEU B 264 -5.51 -5.77 -20.05
C LEU B 264 -5.26 -4.85 -18.86
N VAL B 265 -5.93 -3.71 -18.86
CA VAL B 265 -5.97 -2.82 -17.71
C VAL B 265 -7.23 -3.17 -16.90
N PRO B 266 -7.10 -3.71 -15.68
CA PRO B 266 -8.29 -4.19 -14.99
C PRO B 266 -9.29 -3.08 -14.71
N PHE B 267 -10.58 -3.44 -14.77
CA PHE B 267 -11.67 -2.54 -14.47
C PHE B 267 -11.45 -1.80 -13.16
N TRP B 268 -10.88 -2.49 -12.19
CA TRP B 268 -10.68 -2.00 -10.83
C TRP B 268 -9.25 -1.54 -10.57
N ALA B 269 -8.47 -1.27 -11.61
CA ALA B 269 -7.06 -0.94 -11.45
C ALA B 269 -6.88 0.27 -10.53
N THR B 270 -5.80 0.25 -9.75
CA THR B 270 -5.46 1.37 -8.88
C THR B 270 -4.28 2.19 -9.38
N TRP B 271 -3.23 1.57 -9.86
CA TRP B 271 -2.11 2.34 -10.36
C TRP B 271 -2.43 2.81 -11.79
N PRO B 272 -1.89 3.95 -12.20
CA PRO B 272 -2.35 4.58 -13.45
C PRO B 272 -2.36 3.65 -14.65
N TYR B 273 -1.24 2.99 -14.94
CA TYR B 273 -1.07 2.10 -16.10
C TYR B 273 -0.88 0.64 -15.69
N GLN B 274 -1.38 0.29 -14.52
CA GLN B 274 -1.46 -1.10 -14.07
C GLN B 274 -2.03 -2.03 -15.14
N THR B 275 -1.41 -3.20 -15.27
CA THR B 275 -1.95 -4.22 -16.14
C THR B 275 -2.06 -5.56 -15.41
N LEU B 276 -2.84 -6.43 -16.04
CA LEU B 276 -3.05 -7.81 -15.66
C LEU B 276 -2.72 -8.65 -16.88
N LEU B 277 -1.90 -9.69 -16.65
CA LEU B 277 -1.41 -10.59 -17.70
C LEU B 277 -1.87 -11.99 -17.38
N LEU B 278 -2.64 -12.61 -18.30
CA LEU B 278 -3.07 -13.94 -17.93
C LEU B 278 -3.25 -14.82 -19.16
N PRO B 279 -3.07 -16.11 -19.00
CA PRO B 279 -3.24 -17.00 -20.16
C PRO B 279 -4.70 -17.17 -20.51
N ARG B 280 -4.95 -17.50 -21.78
CA ARG B 280 -6.32 -17.75 -22.22
C ARG B 280 -6.82 -19.11 -21.73
N ARG B 281 -5.93 -20.09 -21.63
CA ARG B 281 -6.30 -21.42 -21.12
C ARG B 281 -6.39 -21.39 -19.59
N HIS B 282 -7.24 -22.25 -19.05
CA HIS B 282 -7.30 -22.39 -17.60
C HIS B 282 -6.03 -23.11 -17.11
N VAL B 283 -5.16 -22.38 -16.42
CA VAL B 283 -3.85 -22.83 -15.97
C VAL B 283 -3.66 -22.41 -14.52
N ARG B 284 -3.44 -23.37 -13.63
CA ARG B 284 -3.37 -23.01 -12.20
C ARG B 284 -1.99 -22.49 -11.79
N ARG B 285 -0.92 -23.03 -12.37
CA ARG B 285 0.43 -22.68 -11.94
C ARG B 285 1.36 -22.54 -13.14
N LEU B 286 2.44 -21.82 -12.91
CA LEU B 286 3.33 -21.43 -13.99
C LEU B 286 4.00 -22.64 -14.66
N PRO B 287 4.40 -23.67 -13.91
CA PRO B 287 5.05 -24.83 -14.56
C PRO B 287 4.15 -25.55 -15.55
N GLU B 288 2.83 -25.39 -15.49
CA GLU B 288 1.96 -26.12 -16.42
C GLU B 288 1.91 -25.50 -17.82
N LEU B 289 2.50 -24.33 -18.00
CA LEU B 289 2.54 -23.72 -19.33
C LEU B 289 3.34 -24.62 -20.28
N THR B 290 2.76 -24.91 -21.42
CA THR B 290 3.42 -25.68 -22.46
C THR B 290 4.53 -24.86 -23.12
N PRO B 291 5.44 -25.51 -23.84
CA PRO B 291 6.48 -24.73 -24.54
C PRO B 291 5.91 -23.63 -25.45
N ALA B 292 4.84 -23.92 -26.20
CA ALA B 292 4.24 -22.91 -27.05
C ALA B 292 3.70 -21.77 -26.23
N GLU B 293 3.02 -22.09 -25.13
CA GLU B 293 2.54 -21.04 -24.22
C GLU B 293 3.67 -20.22 -23.62
N ARG B 294 4.83 -20.83 -23.36
CA ARG B 294 5.94 -20.10 -22.76
C ARG B 294 6.58 -19.16 -23.78
N ASP B 295 6.81 -19.65 -24.99
CA ASP B 295 7.29 -18.76 -26.05
C ASP B 295 6.34 -17.61 -26.29
N ASP B 296 5.03 -17.90 -26.30
CA ASP B 296 4.08 -16.82 -26.54
C ASP B 296 4.04 -15.87 -25.36
N LEU B 297 4.25 -16.36 -24.15
CA LEU B 297 4.37 -15.47 -22.99
C LEU B 297 5.56 -14.53 -23.16
N ALA B 298 6.70 -15.10 -23.55
CA ALA B 298 7.90 -14.30 -23.77
C ALA B 298 7.65 -13.19 -24.78
N SER B 299 7.01 -13.54 -25.90
CA SER B 299 6.69 -12.55 -26.93
C SER B 299 5.77 -11.45 -26.37
N ILE B 300 4.66 -11.85 -25.72
CA ILE B 300 3.68 -10.85 -25.32
C ILE B 300 4.25 -9.97 -24.20
N MET B 301 5.07 -10.54 -23.30
CA MET B 301 5.75 -9.70 -22.31
CA MET B 301 5.74 -9.71 -22.31
C MET B 301 6.68 -8.70 -22.97
N LYS B 302 7.39 -9.12 -24.03
CA LYS B 302 8.28 -8.19 -24.71
C LYS B 302 7.50 -7.03 -25.29
N LYS B 303 6.33 -7.32 -25.88
CA LYS B 303 5.51 -6.26 -26.43
C LYS B 303 4.95 -5.35 -25.34
N LEU B 304 4.44 -5.93 -24.26
CA LEU B 304 3.88 -5.10 -23.17
C LEU B 304 4.93 -4.17 -22.60
N LEU B 305 6.09 -4.72 -22.26
CA LEU B 305 7.12 -3.93 -21.60
C LEU B 305 7.75 -2.92 -22.56
N THR B 306 7.74 -3.22 -23.87
CA THR B 306 8.19 -2.21 -24.84
C THR B 306 7.18 -1.07 -24.94
N LYS B 307 5.88 -1.38 -24.97
CA LYS B 307 4.89 -0.33 -24.87
C LYS B 307 5.11 0.52 -23.62
N TYR B 308 5.35 -0.13 -22.49
CA TYR B 308 5.56 0.58 -21.23
C TYR B 308 6.74 1.55 -21.34
N ASP B 309 7.85 1.08 -21.91
CA ASP B 309 8.99 1.98 -22.09
C ASP B 309 8.68 3.13 -23.05
N ASN B 310 7.88 2.86 -24.09
CA ASN B 310 7.55 3.91 -25.05
C ASN B 310 6.57 4.93 -24.49
N LEU B 311 5.78 4.57 -23.47
CA LEU B 311 4.75 5.48 -22.97
C LEU B 311 5.34 6.85 -22.63
N PHE B 312 6.44 6.86 -21.88
CA PHE B 312 7.10 8.09 -21.50
C PHE B 312 8.54 8.16 -21.99
N GLU B 313 8.91 7.27 -22.93
CA GLU B 313 10.27 7.17 -23.45
C GLU B 313 11.31 7.17 -22.33
N THR B 314 11.21 6.15 -21.48
CA THR B 314 12.17 5.97 -20.40
C THR B 314 12.08 4.51 -19.98
N SER B 315 13.07 4.05 -19.21
CA SER B 315 13.01 2.71 -18.65
C SER B 315 11.94 2.69 -17.55
N PHE B 316 10.87 1.98 -17.82
CA PHE B 316 9.63 2.15 -17.07
C PHE B 316 9.70 1.36 -15.77
N PRO B 317 9.64 2.01 -14.62
CA PRO B 317 9.68 1.27 -13.35
C PRO B 317 8.35 0.62 -13.01
N TYR B 318 8.43 -0.43 -12.19
CA TYR B 318 7.20 -1.11 -11.74
C TYR B 318 7.60 -2.15 -10.73
N SER B 319 6.61 -2.65 -10.02
CA SER B 319 6.71 -3.92 -9.33
C SER B 319 5.78 -4.88 -10.03
N MET B 320 6.20 -6.12 -10.19
CA MET B 320 5.30 -7.08 -10.79
C MET B 320 5.50 -8.42 -10.10
N GLY B 321 4.52 -9.29 -10.25
CA GLY B 321 4.67 -10.61 -9.68
C GLY B 321 3.63 -11.57 -10.19
N TRP B 322 3.90 -12.86 -9.94
CA TRP B 322 3.03 -13.96 -10.40
C TRP B 322 2.22 -14.53 -9.25
N HIS B 323 0.95 -14.78 -9.54
CA HIS B 323 0.01 -15.43 -8.63
C HIS B 323 -0.54 -16.70 -9.29
N GLY B 324 -0.31 -17.84 -8.65
CA GLY B 324 -0.89 -19.09 -9.08
C GLY B 324 -1.35 -19.89 -7.87
N ALA B 325 -1.93 -21.04 -8.14
CA ALA B 325 -2.46 -21.87 -7.07
C ALA B 325 -1.36 -22.21 -6.06
N PRO B 326 -1.69 -22.26 -4.75
CA PRO B 326 -0.73 -22.66 -3.73
C PRO B 326 -0.07 -23.99 -4.02
N THR B 327 1.17 -24.14 -3.58
CA THR B 327 1.97 -25.33 -3.82
C THR B 327 1.99 -26.16 -2.54
N GLY B 328 3.12 -26.68 -2.08
CA GLY B 328 3.15 -27.49 -0.87
C GLY B 328 2.33 -28.74 -1.09
N SER B 329 1.65 -29.18 -0.04
CA SER B 329 0.84 -30.39 -0.13
C SER B 329 -0.34 -30.16 -1.06
N GLU B 330 -0.57 -31.11 -1.97
CA GLU B 330 -1.74 -31.09 -2.85
C GLU B 330 -2.76 -32.17 -2.51
N ALA B 331 -2.41 -33.12 -1.63
CA ALA B 331 -3.28 -34.25 -1.30
C ALA B 331 -4.53 -33.76 -0.58
N GLY B 332 -5.69 -34.13 -1.11
CA GLY B 332 -6.96 -33.69 -0.55
C GLY B 332 -7.26 -32.23 -0.80
N ALA B 333 -6.60 -31.62 -1.80
CA ALA B 333 -6.76 -30.21 -2.10
C ALA B 333 -7.34 -30.07 -3.50
N ASN B 334 -8.12 -29.02 -3.71
CA ASN B 334 -8.75 -28.73 -4.99
C ASN B 334 -8.51 -27.26 -5.27
N TRP B 335 -7.78 -26.96 -6.34
CA TRP B 335 -7.42 -25.59 -6.69
C TRP B 335 -7.97 -25.17 -8.05
N ASN B 336 -9.05 -25.83 -8.52
CA ASN B 336 -9.61 -25.50 -9.83
C ASN B 336 -10.13 -24.08 -9.89
N HIS B 337 -10.37 -23.44 -8.74
CA HIS B 337 -10.81 -22.04 -8.76
C HIS B 337 -9.70 -21.06 -9.09
N TRP B 338 -8.44 -21.49 -9.06
CA TRP B 338 -7.31 -20.62 -9.34
C TRP B 338 -7.04 -20.51 -10.83
N GLN B 339 -6.59 -19.30 -11.24
CA GLN B 339 -6.09 -18.99 -12.57
C GLN B 339 -4.79 -18.18 -12.46
N LEU B 340 -3.74 -18.74 -13.05
CA LEU B 340 -2.43 -18.07 -13.12
C LEU B 340 -2.56 -16.68 -13.71
N HIS B 341 -1.89 -15.71 -13.08
CA HIS B 341 -1.86 -14.36 -13.62
C HIS B 341 -0.70 -13.58 -13.04
N ALA B 342 -0.37 -12.48 -13.70
CA ALA B 342 0.66 -11.55 -13.23
C ALA B 342 0.06 -10.16 -13.12
N HIS B 343 0.44 -9.46 -12.05
CA HIS B 343 0.14 -8.04 -11.89
C HIS B 343 1.38 -7.19 -12.17
N TYR B 344 1.16 -6.06 -12.88
CA TYR B 344 2.15 -4.99 -13.04
C TYR B 344 1.61 -3.71 -12.39
N TYR B 345 2.43 -3.15 -11.49
CA TYR B 345 2.09 -1.98 -10.68
C TYR B 345 3.13 -0.89 -10.94
N PRO B 346 2.93 -0.07 -11.96
CA PRO B 346 3.89 0.99 -12.28
C PRO B 346 3.51 2.28 -11.58
N PRO B 347 4.50 3.02 -11.07
CA PRO B 347 4.18 4.25 -10.35
C PRO B 347 4.00 5.48 -11.23
N LEU B 348 4.47 5.47 -12.47
CA LEU B 348 4.53 6.70 -13.24
C LEU B 348 3.13 7.11 -13.68
N LEU B 349 2.89 8.42 -13.68
CA LEU B 349 1.56 8.97 -13.93
C LEU B 349 1.51 9.85 -15.17
N ARG B 350 2.39 10.83 -15.28
CA ARG B 350 2.28 11.82 -16.36
C ARG B 350 3.55 12.02 -17.14
N SER B 351 4.71 11.62 -16.62
CA SER B 351 5.97 11.74 -17.34
C SER B 351 6.95 10.78 -16.72
N ALA B 352 8.19 10.79 -17.24
CA ALA B 352 9.28 10.00 -16.67
C ALA B 352 9.58 10.37 -15.22
N THR B 353 9.14 11.55 -14.78
CA THR B 353 9.48 12.05 -13.45
C THR B 353 8.27 12.31 -12.57
N VAL B 354 7.05 12.28 -13.09
CA VAL B 354 5.85 12.61 -12.33
C VAL B 354 5.11 11.31 -12.02
N ARG B 355 5.09 10.93 -10.76
CA ARG B 355 4.53 9.66 -10.32
C ARG B 355 3.25 9.86 -9.50
N LYS B 356 2.57 8.73 -9.30
CA LYS B 356 1.43 8.62 -8.39
C LYS B 356 1.94 8.26 -7.00
N PHE B 357 1.46 8.97 -6.00
CA PHE B 357 1.77 8.65 -4.61
C PHE B 357 0.55 7.96 -3.98
N MET B 358 0.77 6.78 -3.40
CA MET B 358 -0.28 6.09 -2.64
C MET B 358 -0.09 6.47 -1.17
N VAL B 359 -0.68 7.60 -0.81
CA VAL B 359 -0.45 8.21 0.49
C VAL B 359 -1.80 8.72 1.00
N GLY B 360 -1.78 9.35 2.16
CA GLY B 360 -2.92 10.08 2.66
C GLY B 360 -4.25 9.38 2.55
N TYR B 361 -5.12 9.92 1.70
CA TYR B 361 -6.47 9.36 1.61
C TYR B 361 -6.41 7.90 1.25
N GLU B 362 -5.53 7.56 0.34
CA GLU B 362 -5.42 6.17 -0.12
CA GLU B 362 -5.43 6.18 -0.11
C GLU B 362 -4.99 5.25 1.01
N MET B 363 -4.22 5.76 1.97
CA MET B 363 -3.83 4.95 3.11
C MET B 363 -4.88 4.93 4.20
N LEU B 364 -5.68 6.00 4.32
CA LEU B 364 -6.62 6.06 5.41
C LEU B 364 -8.05 5.74 5.02
N ALA B 365 -8.35 5.74 3.72
CA ALA B 365 -9.72 5.53 3.26
C ALA B 365 -9.77 4.57 2.07
N GLN B 366 -9.22 4.98 0.92
CA GLN B 366 -9.45 4.19 -0.30
C GLN B 366 -8.56 4.67 -1.44
N ALA B 367 -8.10 3.72 -2.25
CA ALA B 367 -7.35 4.07 -3.45
C ALA B 367 -8.16 5.00 -4.32
N GLN B 368 -7.47 5.91 -4.99
CA GLN B 368 -8.06 6.94 -5.83
CA GLN B 368 -8.06 6.94 -5.83
C GLN B 368 -7.25 7.07 -7.11
N ARG B 369 -7.94 7.32 -8.23
CA ARG B 369 -7.28 7.56 -9.52
C ARG B 369 -8.05 8.60 -10.32
N ASP B 370 -7.34 9.35 -11.15
CA ASP B 370 -7.94 10.33 -12.06
C ASP B 370 -8.13 9.76 -13.47
N LEU B 371 -7.07 9.20 -14.05
CA LEU B 371 -7.17 8.54 -15.34
C LEU B 371 -8.03 7.31 -15.23
N THR B 372 -8.99 7.13 -16.16
CA THR B 372 -9.80 5.92 -16.07
C THR B 372 -9.03 4.74 -16.64
N PRO B 373 -9.33 3.52 -16.21
CA PRO B 373 -8.72 2.35 -16.84
C PRO B 373 -8.90 2.32 -18.34
N GLU B 374 -10.03 2.82 -18.85
CA GLU B 374 -10.28 2.77 -20.29
C GLU B 374 -9.39 3.76 -21.04
N GLN B 375 -9.18 4.95 -20.48
CA GLN B 375 -8.23 5.88 -21.09
C GLN B 375 -6.82 5.30 -21.08
N ALA B 376 -6.42 4.69 -19.97
CA ALA B 376 -5.09 4.10 -19.88
C ALA B 376 -4.92 2.97 -20.90
N ALA B 377 -5.93 2.10 -21.02
CA ALA B 377 -5.82 1.02 -21.99
C ALA B 377 -5.78 1.56 -23.40
N GLU B 378 -6.56 2.60 -23.68
CA GLU B 378 -6.53 3.20 -25.01
C GLU B 378 -5.13 3.74 -25.33
N ARG B 379 -4.49 4.38 -24.35
CA ARG B 379 -3.14 4.89 -24.59
C ARG B 379 -2.14 3.76 -24.80
N LEU B 380 -2.21 2.72 -23.96
CA LEU B 380 -1.30 1.59 -24.13
C LEU B 380 -1.50 0.88 -25.47
N ARG B 381 -2.73 0.77 -25.95
CA ARG B 381 -2.95 0.11 -27.24
C ARG B 381 -2.30 0.86 -28.39
N ALA B 382 -2.26 2.19 -28.31
CA ALA B 382 -1.74 3.04 -29.38
C ALA B 382 -0.21 3.06 -29.43
N LEU B 383 0.49 2.58 -28.42
CA LEU B 383 1.93 2.74 -28.38
C LEU B 383 2.62 1.72 -29.30
N PRO B 384 3.73 2.09 -29.95
CA PRO B 384 4.44 1.14 -30.80
C PRO B 384 5.00 -0.03 -29.99
N GLU B 385 5.17 -1.15 -30.69
CA GLU B 385 5.86 -2.32 -30.18
C GLU B 385 7.33 -2.34 -30.57
N VAL B 386 7.81 -1.31 -31.27
CA VAL B 386 9.22 -1.16 -31.56
C VAL B 386 9.80 -0.25 -30.50
N HIS B 387 10.84 -0.72 -29.83
CA HIS B 387 11.37 0.03 -28.69
C HIS B 387 11.99 1.32 -29.21
N TYR B 388 11.79 2.39 -28.46
CA TYR B 388 12.30 3.70 -28.87
C TYR B 388 13.83 3.72 -28.88
#